data_3CZB
#
_entry.id   3CZB
#
_cell.length_a   129.604
_cell.length_b   129.604
_cell.length_c   88.740
_cell.angle_alpha   90.000
_cell.angle_beta   90.000
_cell.angle_gamma   120.000
#
_symmetry.space_group_name_H-M   'P 31 2 1'
#
loop_
_entity.id
_entity.type
_entity.pdbx_description
1 polymer 'Putative transglycosylase'
2 non-polymer 'SULFATE ION'
3 water water
#
_entity_poly.entity_id   1
_entity_poly.type   'polypeptide(L)'
_entity_poly.pdbx_seq_one_letter_code
;MSLSAMPAALSFAGLAGWAEEDHLAALNAFRAGCGVSKDPAAARVCGLAKATKDLDVSGAKAFIEANFRVEAVDGGGDGL
LTAYFAPQYEARMSRNAEFSAPLRGLPADLVVLDLGPFEPALVGKKITGHVEGSTFVPYPDRAEIEATPSDKPLAWMRPE
ELFFLQIQGSGVLVLPDGRRVRAVFAGTNGKPFVGIAIAMRDKGLLPDNNTSADAIRTWLAEHRGPEADAIMRLNPRYVF
FRTVPDDGKEPAGAAGVALPPGRAIAVDPGYHAYGGFYWLDAAAPKLVGAFPVYRRAVTALDTGGAIKGEVRADLYMGSG
AVAGVEAGRVRHTLRLYRLTPNPEGHHHHHH
;
_entity_poly.pdbx_strand_id   A,B
#
# COMPACT_ATOMS: atom_id res chain seq x y z
N MET A 6 6.57 1.77 3.58
CA MET A 6 7.47 1.73 2.40
C MET A 6 6.77 2.31 1.16
N PRO A 7 7.48 3.17 0.39
CA PRO A 7 6.99 3.65 -0.91
C PRO A 7 6.90 2.57 -2.00
N ALA A 8 6.35 2.92 -3.15
CA ALA A 8 6.05 1.93 -4.16
C ALA A 8 7.26 1.61 -5.02
N ALA A 9 7.30 0.39 -5.54
CA ALA A 9 8.42 -0.07 -6.35
C ALA A 9 8.48 0.58 -7.74
N LEU A 10 9.70 0.63 -8.26
CA LEU A 10 9.96 1.13 -9.59
C LEU A 10 10.23 0.01 -10.59
N SER A 11 10.49 -1.19 -10.09
CA SER A 11 10.94 -2.27 -10.97
C SER A 11 10.43 -3.61 -10.49
N PHE A 12 10.64 -4.66 -11.28
CA PHE A 12 10.20 -5.99 -10.88
C PHE A 12 10.98 -6.50 -9.67
N ALA A 13 12.26 -6.15 -9.59
CA ALA A 13 13.06 -6.49 -8.40
C ALA A 13 12.43 -6.03 -7.07
N GLY A 14 11.81 -4.85 -7.05
CA GLY A 14 11.30 -4.29 -5.79
C GLY A 14 9.91 -4.73 -5.43
N LEU A 15 9.33 -5.55 -6.28
CA LEU A 15 7.92 -5.80 -6.20
C LEU A 15 7.70 -6.97 -5.28
N ALA A 16 7.20 -6.70 -4.09
CA ALA A 16 7.00 -7.78 -3.14
C ALA A 16 5.97 -8.76 -3.70
N GLY A 17 6.30 -10.04 -3.68
CA GLY A 17 5.38 -11.06 -4.19
C GLY A 17 5.72 -11.54 -5.59
N TRP A 18 6.51 -10.73 -6.32
CA TRP A 18 6.81 -11.06 -7.70
C TRP A 18 7.49 -12.41 -7.79
N ALA A 19 8.54 -12.58 -7.01
CA ALA A 19 9.32 -13.81 -7.02
C ALA A 19 8.48 -15.05 -6.73
N GLU A 20 7.44 -14.91 -5.90
CA GLU A 20 6.59 -16.09 -5.59
C GLU A 20 5.33 -16.23 -6.46
N GLU A 21 5.15 -15.31 -7.39
CA GLU A 21 3.96 -15.31 -8.27
C GLU A 21 4.01 -16.44 -9.29
N ASP A 22 2.86 -17.03 -9.57
CA ASP A 22 2.78 -18.01 -10.65
C ASP A 22 2.87 -17.26 -12.01
N HIS A 23 4.10 -17.05 -12.46
CA HIS A 23 4.32 -16.29 -13.69
C HIS A 23 3.65 -16.83 -14.96
N LEU A 24 3.38 -18.13 -15.03
CA LEU A 24 2.57 -18.66 -16.13
C LEU A 24 1.15 -18.12 -16.09
N ALA A 25 0.50 -18.21 -14.93
CA ALA A 25 -0.84 -17.65 -14.77
C ALA A 25 -0.84 -16.15 -15.12
N ALA A 26 0.16 -15.42 -14.64
CA ALA A 26 0.36 -13.99 -15.00
C ALA A 26 0.36 -13.77 -16.49
N LEU A 27 1.22 -14.51 -17.18
CA LEU A 27 1.36 -14.36 -18.61
C LEU A 27 0.10 -14.77 -19.34
N ASN A 28 -0.64 -15.74 -18.79
CA ASN A 28 -1.90 -16.15 -19.43
C ASN A 28 -3.00 -15.11 -19.19
N ALA A 29 -2.86 -14.37 -18.11
CA ALA A 29 -3.80 -13.32 -17.79
C ALA A 29 -3.63 -12.19 -18.78
N PHE A 30 -2.39 -11.89 -19.11
CA PHE A 30 -2.11 -10.86 -20.09
C PHE A 30 -2.63 -11.30 -21.44
N ARG A 31 -2.32 -12.53 -21.84
CA ARG A 31 -2.84 -13.08 -23.09
C ARG A 31 -4.38 -13.08 -23.13
N ALA A 32 -5.03 -13.39 -22.01
CA ALA A 32 -6.51 -13.44 -22.01
C ALA A 32 -7.10 -12.10 -22.42
N GLY A 33 -6.38 -11.02 -22.14
CA GLY A 33 -7.01 -9.71 -22.29
C GLY A 33 -6.35 -8.76 -23.25
N CYS A 34 -5.12 -9.04 -23.68
CA CYS A 34 -4.40 -8.03 -24.46
C CYS A 34 -5.05 -7.72 -25.81
N GLY A 35 -5.60 -8.72 -26.47
CA GLY A 35 -6.22 -8.54 -27.79
C GLY A 35 -7.31 -7.47 -27.81
N VAL A 36 -7.81 -7.09 -26.65
CA VAL A 36 -8.85 -6.07 -26.57
C VAL A 36 -8.28 -4.65 -26.54
N SER A 37 -6.97 -4.57 -26.34
CA SER A 37 -6.27 -3.31 -26.12
C SER A 37 -6.24 -2.39 -27.34
N LYS A 38 -6.33 -1.08 -27.07
CA LYS A 38 -6.17 -0.05 -28.11
C LYS A 38 -4.73 0.45 -28.38
N ASP A 39 -3.96 0.60 -27.31
CA ASP A 39 -2.52 0.93 -27.40
C ASP A 39 -1.77 0.07 -28.42
N PRO A 40 -0.91 0.69 -29.25
CA PRO A 40 -0.07 -0.05 -30.20
C PRO A 40 1.16 -0.75 -29.61
N ALA A 41 1.72 -0.22 -28.52
CA ALA A 41 2.89 -0.89 -27.90
C ALA A 41 2.46 -2.20 -27.26
N ALA A 42 1.19 -2.22 -26.85
CA ALA A 42 0.52 -3.40 -26.30
C ALA A 42 0.20 -4.40 -27.38
N ALA A 43 0.09 -3.95 -28.62
CA ALA A 43 -0.24 -4.85 -29.72
C ALA A 43 0.95 -5.72 -30.09
N ARG A 44 2.12 -5.13 -30.23
CA ARG A 44 3.33 -5.93 -30.50
C ARG A 44 3.51 -7.04 -29.44
N VAL A 45 3.42 -6.67 -28.16
CA VAL A 45 3.64 -7.59 -27.07
C VAL A 45 2.54 -8.63 -27.01
N CYS A 46 1.29 -8.21 -27.20
CA CYS A 46 0.21 -9.18 -27.37
C CYS A 46 0.54 -10.16 -28.46
N GLY A 47 1.07 -9.67 -29.58
CA GLY A 47 1.40 -10.52 -30.70
C GLY A 47 2.48 -11.54 -30.36
N LEU A 48 3.53 -11.09 -29.68
CA LEU A 48 4.61 -11.99 -29.32
C LEU A 48 4.15 -13.00 -28.26
N ALA A 49 3.33 -12.53 -27.32
CA ALA A 49 2.83 -13.40 -26.27
C ALA A 49 2.04 -14.55 -26.87
N LYS A 50 1.13 -14.26 -27.80
CA LYS A 50 0.28 -15.32 -28.35
C LYS A 50 1.10 -16.28 -29.21
N ALA A 51 2.09 -15.76 -29.90
CA ALA A 51 2.96 -16.57 -30.73
C ALA A 51 3.81 -17.53 -29.91
N THR A 52 4.43 -17.00 -28.86
CA THR A 52 5.42 -17.76 -28.10
C THR A 52 4.73 -18.70 -27.10
N LYS A 53 4.74 -20.00 -27.41
CA LYS A 53 4.06 -20.97 -26.55
C LYS A 53 5.05 -21.94 -25.87
N ASP A 54 4.54 -22.76 -24.96
CA ASP A 54 5.34 -23.78 -24.29
C ASP A 54 6.41 -23.20 -23.38
N LEU A 55 6.34 -21.91 -23.07
CA LEU A 55 7.17 -21.35 -22.02
C LEU A 55 6.82 -22.07 -20.71
N ASP A 56 7.83 -22.44 -19.93
CA ASP A 56 7.60 -22.86 -18.53
C ASP A 56 7.49 -21.62 -17.64
N VAL A 57 7.38 -21.80 -16.33
CA VAL A 57 7.20 -20.64 -15.45
C VAL A 57 8.40 -19.71 -15.54
N SER A 58 9.59 -20.27 -15.72
CA SER A 58 10.81 -19.47 -15.75
C SER A 58 10.87 -18.57 -16.98
N GLY A 59 10.40 -19.07 -18.12
CA GLY A 59 10.36 -18.32 -19.36
C GLY A 59 9.32 -17.20 -19.31
N ALA A 60 8.14 -17.54 -18.80
CA ALA A 60 7.04 -16.60 -18.70
C ALA A 60 7.46 -15.42 -17.83
N LYS A 61 8.15 -15.72 -16.76
CA LYS A 61 8.62 -14.67 -15.86
C LYS A 61 9.57 -13.78 -16.61
N ALA A 62 10.46 -14.42 -17.38
CA ALA A 62 11.46 -13.69 -18.16
C ALA A 62 10.81 -12.86 -19.31
N PHE A 63 9.81 -13.43 -19.97
CA PHE A 63 9.10 -12.71 -21.01
C PHE A 63 8.47 -11.43 -20.46
N ILE A 64 7.75 -11.54 -19.35
CA ILE A 64 7.14 -10.39 -18.75
C ILE A 64 8.20 -9.36 -18.34
N GLU A 65 9.30 -9.80 -17.75
CA GLU A 65 10.32 -8.84 -17.32
C GLU A 65 11.02 -8.10 -18.46
N ALA A 66 11.02 -8.68 -19.64
CA ALA A 66 11.81 -8.11 -20.69
C ALA A 66 10.95 -7.22 -21.58
N ASN A 67 9.65 -7.20 -21.31
CA ASN A 67 8.69 -6.60 -22.19
C ASN A 67 7.80 -5.59 -21.48
N PHE A 68 7.88 -5.51 -20.14
CA PHE A 68 7.04 -4.61 -19.36
C PHE A 68 7.80 -3.74 -18.32
N ARG A 69 7.20 -2.61 -17.93
CA ARG A 69 7.72 -1.75 -16.88
C ARG A 69 6.68 -1.67 -15.80
N VAL A 70 7.13 -1.43 -14.58
CA VAL A 70 6.28 -1.41 -13.41
C VAL A 70 5.99 0.04 -13.09
N GLU A 71 4.73 0.45 -13.22
CA GLU A 71 4.38 1.84 -13.03
C GLU A 71 3.27 1.96 -12.01
N ALA A 72 3.65 2.35 -10.80
CA ALA A 72 2.71 2.63 -9.72
C ALA A 72 1.53 3.51 -10.14
N VAL A 73 0.34 3.18 -9.68
CA VAL A 73 -0.82 3.98 -9.99
C VAL A 73 -1.00 4.94 -8.83
N ASP A 74 -1.34 6.20 -9.14
CA ASP A 74 -1.56 7.23 -8.12
C ASP A 74 -0.39 7.42 -7.16
N GLY A 75 0.82 7.26 -7.67
CA GLY A 75 2.00 7.46 -6.84
C GLY A 75 2.20 6.37 -5.79
N GLY A 76 1.41 5.31 -5.87
CA GLY A 76 1.50 4.21 -4.92
C GLY A 76 0.55 4.35 -3.74
N GLY A 77 -0.42 5.26 -3.88
CA GLY A 77 -1.42 5.48 -2.82
C GLY A 77 -2.42 4.35 -2.67
N ASP A 78 -3.06 4.29 -1.49
CA ASP A 78 -3.92 3.19 -1.12
C ASP A 78 -5.32 3.32 -1.67
N GLY A 79 -5.91 2.17 -2.00
CA GLY A 79 -7.32 2.09 -2.33
C GLY A 79 -7.88 0.77 -1.83
N LEU A 80 -8.79 0.18 -2.59
CA LEU A 80 -9.57 -0.92 -2.08
C LEU A 80 -9.69 -2.05 -3.08
N LEU A 81 -9.40 -3.28 -2.63
CA LEU A 81 -9.64 -4.49 -3.43
C LEU A 81 -10.81 -5.25 -2.85
N THR A 82 -11.80 -5.51 -3.68
CA THR A 82 -12.86 -6.42 -3.31
C THR A 82 -12.91 -7.49 -4.39
N ALA A 83 -13.89 -8.37 -4.30
CA ALA A 83 -13.92 -9.43 -5.31
C ALA A 83 -15.35 -9.81 -5.57
N TYR A 84 -15.57 -10.41 -6.73
CA TYR A 84 -16.92 -10.79 -7.13
C TYR A 84 -16.83 -12.08 -7.93
N PHE A 85 -17.96 -12.70 -8.19
CA PHE A 85 -17.96 -13.97 -8.89
C PHE A 85 -19.16 -13.98 -9.83
N ALA A 86 -19.14 -14.86 -10.81
CA ALA A 86 -20.25 -14.93 -11.76
C ALA A 86 -21.42 -15.65 -11.13
N PRO A 87 -22.46 -14.90 -10.85
CA PRO A 87 -23.55 -15.39 -10.03
C PRO A 87 -24.55 -16.19 -10.84
N GLN A 88 -25.23 -17.11 -10.16
CA GLN A 88 -26.13 -18.03 -10.80
C GLN A 88 -27.47 -17.88 -10.12
N TYR A 89 -28.48 -17.37 -10.81
CA TYR A 89 -29.75 -17.08 -10.14
C TYR A 89 -30.88 -18.01 -10.61
N GLU A 90 -31.78 -18.34 -9.68
CA GLU A 90 -32.96 -19.10 -10.00
C GLU A 90 -33.91 -18.17 -10.73
N ALA A 91 -34.62 -18.71 -11.73
CA ALA A 91 -35.64 -17.93 -12.42
C ALA A 91 -36.79 -18.82 -12.81
N ARG A 92 -37.86 -18.21 -13.27
CA ARG A 92 -39.02 -18.87 -13.83
C ARG A 92 -39.30 -18.27 -15.21
N MET A 93 -40.11 -18.94 -16.04
CA MET A 93 -40.57 -18.33 -17.29
C MET A 93 -41.95 -17.73 -17.09
N SER A 94 -42.40 -17.67 -15.85
CA SER A 94 -43.76 -17.27 -15.58
C SER A 94 -43.80 -16.61 -14.20
N ARG A 95 -44.55 -15.50 -14.08
CA ARG A 95 -44.59 -14.79 -12.79
C ARG A 95 -45.29 -15.54 -11.67
N ASN A 96 -44.72 -15.46 -10.49
CA ASN A 96 -45.43 -15.77 -9.25
C ASN A 96 -45.12 -14.79 -8.13
N ALA A 97 -45.63 -15.05 -6.94
CA ALA A 97 -45.50 -14.11 -5.84
C ALA A 97 -44.04 -13.86 -5.47
N GLU A 98 -43.21 -14.87 -5.61
CA GLU A 98 -41.81 -14.76 -5.22
C GLU A 98 -40.95 -14.26 -6.38
N PHE A 99 -41.22 -14.80 -7.57
CA PHE A 99 -40.51 -14.40 -8.76
C PHE A 99 -41.35 -13.35 -9.49
N SER A 100 -41.39 -12.16 -8.90
CA SER A 100 -42.35 -11.11 -9.26
C SER A 100 -41.72 -10.02 -10.14
N ALA A 101 -40.43 -10.11 -10.39
CA ALA A 101 -39.77 -9.08 -11.16
C ALA A 101 -39.38 -9.60 -12.54
N PRO A 102 -39.85 -8.93 -13.60
CA PRO A 102 -39.52 -9.34 -14.97
C PRO A 102 -38.12 -8.86 -15.37
N LEU A 103 -37.39 -9.74 -16.03
CA LEU A 103 -36.12 -9.43 -16.62
C LEU A 103 -36.51 -8.88 -17.98
N ARG A 104 -36.07 -7.66 -18.29
CA ARG A 104 -36.61 -6.92 -19.43
C ARG A 104 -35.59 -6.72 -20.52
N GLY A 105 -36.03 -6.89 -21.77
CA GLY A 105 -35.13 -6.69 -22.92
C GLY A 105 -35.05 -5.20 -23.27
N LEU A 106 -34.11 -4.82 -24.14
CA LEU A 106 -33.94 -3.41 -24.53
C LEU A 106 -35.25 -2.93 -25.10
N PRO A 107 -35.85 -1.90 -24.50
CA PRO A 107 -37.07 -1.37 -25.10
C PRO A 107 -36.85 -0.81 -26.53
N ALA A 108 -37.82 -1.09 -27.42
CA ALA A 108 -37.75 -0.65 -28.79
C ALA A 108 -37.83 0.89 -28.92
N ASP A 109 -38.43 1.55 -27.95
CA ASP A 109 -38.49 3.00 -28.00
C ASP A 109 -37.19 3.72 -27.54
N LEU A 110 -36.21 2.99 -27.05
CA LEU A 110 -35.07 3.65 -26.43
C LEU A 110 -34.01 4.01 -27.46
N VAL A 111 -33.54 5.27 -27.43
CA VAL A 111 -32.52 5.74 -28.35
C VAL A 111 -31.32 6.33 -27.64
N VAL A 112 -30.14 5.89 -28.03
CA VAL A 112 -28.89 6.51 -27.63
C VAL A 112 -28.51 7.47 -28.75
N LEU A 113 -28.73 8.75 -28.50
CA LEU A 113 -28.68 9.79 -29.52
C LEU A 113 -27.27 10.34 -29.56
N ASP A 114 -26.56 10.21 -30.68
CA ASP A 114 -25.26 10.88 -30.72
C ASP A 114 -25.40 12.39 -30.86
N LEU A 115 -24.60 13.12 -30.11
CA LEU A 115 -24.76 14.54 -29.98
C LEU A 115 -23.93 15.32 -31.01
N GLY A 116 -23.03 14.63 -31.70
CA GLY A 116 -22.14 15.29 -32.66
C GLY A 116 -22.82 15.97 -33.85
N PRO A 117 -23.82 15.31 -34.45
CA PRO A 117 -24.60 15.94 -35.53
C PRO A 117 -25.34 17.24 -35.17
N PHE A 118 -25.30 17.65 -33.90
CA PHE A 118 -26.02 18.84 -33.46
C PHE A 118 -25.01 19.91 -33.08
N GLU A 119 -23.83 19.50 -32.64
CA GLU A 119 -22.83 20.38 -32.11
C GLU A 119 -21.49 19.65 -32.11
N PRO A 120 -20.56 20.03 -33.01
CA PRO A 120 -19.21 19.46 -33.11
C PRO A 120 -18.49 19.32 -31.76
N ALA A 121 -18.65 20.32 -30.90
CA ALA A 121 -18.11 20.32 -29.52
C ALA A 121 -18.60 19.16 -28.62
N LEU A 122 -19.64 18.44 -29.07
CA LEU A 122 -20.17 17.36 -28.29
C LEU A 122 -20.01 16.05 -29.03
N VAL A 123 -19.13 16.02 -30.02
CA VAL A 123 -18.95 14.81 -30.82
C VAL A 123 -18.56 13.68 -29.87
N GLY A 124 -19.17 12.52 -30.05
CA GLY A 124 -18.90 11.39 -29.16
C GLY A 124 -19.49 11.45 -27.75
N LYS A 125 -20.28 12.46 -27.44
CA LYS A 125 -21.09 12.44 -26.23
C LYS A 125 -22.47 12.00 -26.66
N LYS A 126 -23.30 11.56 -25.71
CA LYS A 126 -24.57 10.91 -26.04
C LYS A 126 -25.57 11.23 -24.97
N ILE A 127 -26.84 10.97 -25.27
CA ILE A 127 -27.90 11.03 -24.30
C ILE A 127 -28.84 9.90 -24.63
N THR A 128 -29.65 9.50 -23.66
CA THR A 128 -30.52 8.38 -23.85
C THR A 128 -31.92 8.81 -23.54
N GLY A 129 -32.82 8.56 -24.48
CA GLY A 129 -34.19 8.87 -24.17
C GLY A 129 -35.11 8.31 -25.20
N HIS A 130 -36.35 8.77 -25.16
CA HIS A 130 -37.28 8.30 -26.12
C HIS A 130 -38.25 9.42 -26.54
N VAL A 131 -38.76 9.28 -27.76
CA VAL A 131 -39.75 10.20 -28.27
C VAL A 131 -41.04 10.13 -27.47
N GLU A 132 -41.52 11.29 -27.06
CA GLU A 132 -42.83 11.39 -26.45
C GLU A 132 -43.51 12.66 -26.98
N GLY A 133 -44.51 12.48 -27.83
CA GLY A 133 -45.23 13.58 -28.46
C GLY A 133 -44.41 14.18 -29.58
N SER A 134 -44.19 15.49 -29.49
CA SER A 134 -43.40 16.18 -30.50
C SER A 134 -42.04 16.59 -29.96
N THR A 135 -41.66 15.96 -28.83
CA THR A 135 -40.33 16.14 -28.28
C THR A 135 -39.66 14.81 -27.88
N PHE A 136 -38.52 14.91 -27.20
CA PHE A 136 -37.67 13.78 -26.87
C PHE A 136 -37.27 13.99 -25.43
N VAL A 137 -37.52 12.99 -24.58
CA VAL A 137 -37.33 13.13 -23.15
C VAL A 137 -36.39 12.03 -22.58
N PRO A 138 -35.78 12.27 -21.40
CA PRO A 138 -34.86 11.28 -20.83
C PRO A 138 -35.63 10.02 -20.58
N TYR A 139 -34.98 8.87 -20.75
CA TYR A 139 -35.66 7.59 -20.51
C TYR A 139 -36.12 7.49 -19.06
N PRO A 140 -37.32 6.96 -18.83
CA PRO A 140 -37.82 6.84 -17.45
C PRO A 140 -36.82 6.18 -16.49
N ASP A 141 -36.87 6.54 -15.22
CA ASP A 141 -36.03 5.86 -14.23
C ASP A 141 -36.60 4.52 -13.75
N ARG A 142 -35.85 3.84 -12.88
CA ARG A 142 -36.25 2.52 -12.38
C ARG A 142 -37.69 2.47 -11.94
N ALA A 143 -38.03 3.32 -10.96
CA ALA A 143 -39.39 3.36 -10.44
C ALA A 143 -40.42 3.40 -11.55
N GLU A 144 -40.21 4.28 -12.52
CA GLU A 144 -41.24 4.43 -13.54
C GLU A 144 -41.25 3.30 -14.55
N ILE A 145 -40.09 2.71 -14.84
CA ILE A 145 -40.05 1.48 -15.65
C ILE A 145 -40.71 0.30 -14.91
N GLU A 146 -40.43 0.15 -13.62
CA GLU A 146 -41.01 -0.95 -12.86
C GLU A 146 -42.54 -0.84 -12.73
N ALA A 147 -43.11 0.28 -13.16
CA ALA A 147 -44.54 0.57 -12.98
C ALA A 147 -45.41 0.27 -14.21
N THR A 148 -44.78 0.05 -15.36
CA THR A 148 -45.49 -0.37 -16.56
C THR A 148 -45.19 -1.85 -16.73
N PRO A 149 -46.21 -2.67 -16.98
CA PRO A 149 -45.91 -4.10 -17.04
C PRO A 149 -45.14 -4.44 -18.30
N SER A 150 -44.41 -5.56 -18.28
CA SER A 150 -43.60 -5.88 -19.43
C SER A 150 -44.40 -6.63 -20.47
N ASP A 151 -44.26 -6.19 -21.70
CA ASP A 151 -44.88 -6.81 -22.84
C ASP A 151 -44.39 -8.26 -22.98
N LYS A 152 -43.09 -8.42 -23.21
CA LYS A 152 -42.54 -9.75 -23.49
C LYS A 152 -41.32 -9.97 -22.61
N PRO A 153 -41.55 -10.27 -21.32
CA PRO A 153 -40.45 -10.33 -20.38
C PRO A 153 -39.55 -11.50 -20.71
N LEU A 154 -38.27 -11.38 -20.42
CA LEU A 154 -37.34 -12.43 -20.74
C LEU A 154 -37.37 -13.58 -19.73
N ALA A 155 -37.84 -13.31 -18.51
CA ALA A 155 -37.87 -14.28 -17.43
C ALA A 155 -38.44 -13.59 -16.21
N TRP A 156 -38.63 -14.33 -15.12
CA TRP A 156 -39.07 -13.74 -13.85
C TRP A 156 -38.10 -14.14 -12.75
N MET A 157 -37.77 -13.17 -11.91
CA MET A 157 -36.75 -13.30 -10.89
C MET A 157 -37.28 -12.73 -9.61
N ARG A 158 -36.56 -12.99 -8.52
CA ARG A 158 -36.82 -12.34 -7.26
C ARG A 158 -36.32 -10.91 -7.40
N PRO A 159 -37.08 -9.95 -6.91
CA PRO A 159 -36.71 -8.54 -7.07
C PRO A 159 -35.28 -8.23 -6.64
N GLU A 160 -34.90 -8.60 -5.42
CA GLU A 160 -33.54 -8.34 -4.95
C GLU A 160 -32.50 -9.03 -5.81
N GLU A 161 -32.89 -10.12 -6.46
CA GLU A 161 -31.85 -10.81 -7.20
C GLU A 161 -31.69 -10.16 -8.57
N LEU A 162 -32.79 -9.71 -9.17
CA LEU A 162 -32.71 -8.94 -10.41
C LEU A 162 -31.87 -7.72 -10.16
N PHE A 163 -32.21 -7.03 -9.07
CA PHE A 163 -31.51 -5.84 -8.69
C PHE A 163 -30.01 -6.08 -8.63
N PHE A 164 -29.59 -7.23 -8.09
CA PHE A 164 -28.17 -7.48 -7.98
C PHE A 164 -27.51 -7.95 -9.27
N LEU A 165 -28.22 -8.73 -10.07
CA LEU A 165 -27.76 -9.04 -11.42
C LEU A 165 -27.64 -7.75 -12.28
N GLN A 166 -28.55 -6.81 -12.09
CA GLN A 166 -28.40 -5.50 -12.74
C GLN A 166 -27.09 -4.80 -12.39
N ILE A 167 -26.63 -4.98 -11.16
CA ILE A 167 -25.33 -4.44 -10.77
C ILE A 167 -24.17 -5.16 -11.43
N GLN A 168 -24.18 -6.49 -11.43
CA GLN A 168 -23.09 -7.23 -12.08
C GLN A 168 -23.06 -7.09 -13.59
N GLY A 169 -24.22 -7.14 -14.24
CA GLY A 169 -24.30 -6.99 -15.71
C GLY A 169 -24.38 -8.29 -16.48
N SER A 170 -23.98 -9.38 -15.85
CA SER A 170 -24.16 -10.69 -16.46
C SER A 170 -24.43 -11.76 -15.40
N GLY A 171 -25.20 -12.77 -15.77
CA GLY A 171 -25.41 -13.91 -14.89
C GLY A 171 -25.94 -15.11 -15.64
N VAL A 172 -26.20 -16.18 -14.90
CA VAL A 172 -26.88 -17.34 -15.45
C VAL A 172 -28.16 -17.58 -14.65
N LEU A 173 -29.27 -17.77 -15.35
CA LEU A 173 -30.55 -18.04 -14.72
C LEU A 173 -30.86 -19.53 -14.84
N VAL A 174 -31.43 -20.11 -13.79
CA VAL A 174 -31.69 -21.54 -13.82
C VAL A 174 -33.17 -21.78 -13.59
N LEU A 175 -33.82 -22.29 -14.63
CA LEU A 175 -35.21 -22.68 -14.51
C LEU A 175 -35.30 -24.02 -13.77
N PRO A 176 -36.45 -24.29 -13.14
CA PRO A 176 -36.66 -25.54 -12.37
C PRO A 176 -36.34 -26.82 -13.17
N ASP A 177 -36.44 -26.77 -14.49
CA ASP A 177 -36.14 -27.92 -15.33
C ASP A 177 -34.68 -28.01 -15.72
N GLY A 178 -33.83 -27.19 -15.11
CA GLY A 178 -32.39 -27.25 -15.42
C GLY A 178 -31.93 -26.58 -16.72
N ARG A 179 -32.84 -25.84 -17.38
CA ARG A 179 -32.41 -25.00 -18.51
C ARG A 179 -31.58 -23.90 -17.92
N ARG A 180 -30.38 -23.75 -18.45
CA ARG A 180 -29.52 -22.69 -18.03
C ARG A 180 -29.57 -21.59 -19.08
N VAL A 181 -29.97 -20.38 -18.69
CA VAL A 181 -29.98 -19.26 -19.63
C VAL A 181 -29.17 -18.07 -19.19
N ARG A 182 -28.23 -17.67 -20.05
CA ARG A 182 -27.34 -16.56 -19.77
C ARG A 182 -28.08 -15.24 -19.99
N ALA A 183 -28.04 -14.36 -19.00
CA ALA A 183 -28.60 -13.02 -19.15
C ALA A 183 -27.43 -12.09 -19.49
N VAL A 184 -27.47 -11.49 -20.67
CA VAL A 184 -26.36 -10.65 -21.17
C VAL A 184 -26.74 -9.18 -21.26
N PHE A 185 -25.93 -8.32 -20.66
CA PHE A 185 -26.11 -6.86 -20.68
C PHE A 185 -26.53 -6.38 -22.05
N ALA A 186 -27.60 -5.61 -22.13
CA ALA A 186 -28.07 -5.11 -23.44
C ALA A 186 -28.11 -3.60 -23.54
N GLY A 187 -28.27 -2.94 -22.40
CA GLY A 187 -28.35 -1.49 -22.38
C GLY A 187 -28.80 -0.99 -21.03
N THR A 188 -28.95 0.34 -20.94
CA THR A 188 -29.21 1.03 -19.68
C THR A 188 -30.22 2.13 -20.01
N ASN A 189 -30.99 2.56 -19.01
CA ASN A 189 -31.87 3.70 -19.16
C ASN A 189 -31.10 5.03 -19.11
N GLY A 190 -29.80 4.96 -18.89
CA GLY A 190 -28.93 6.10 -18.92
C GLY A 190 -28.92 6.95 -17.67
N LYS A 191 -29.66 6.56 -16.64
CA LYS A 191 -29.62 7.30 -15.37
C LYS A 191 -28.37 6.90 -14.55
N PRO A 192 -27.91 7.78 -13.62
CA PRO A 192 -26.68 7.44 -12.90
C PRO A 192 -26.96 6.39 -11.84
N PHE A 193 -25.96 5.55 -11.58
CA PHE A 193 -26.08 4.55 -10.55
C PHE A 193 -26.02 5.23 -9.20
N VAL A 194 -26.92 4.86 -8.30
CA VAL A 194 -26.86 5.33 -6.93
C VAL A 194 -26.87 4.12 -6.02
N GLY A 195 -25.78 3.90 -5.28
CA GLY A 195 -25.67 2.80 -4.32
C GLY A 195 -26.58 2.98 -3.13
N ILE A 196 -27.40 1.97 -2.85
CA ILE A 196 -28.44 2.06 -1.83
C ILE A 196 -27.99 1.76 -0.39
N ALA A 197 -26.70 1.43 -0.20
CA ALA A 197 -26.19 1.00 1.11
C ALA A 197 -26.17 2.12 2.13
N ILE A 198 -25.68 3.29 1.69
CA ILE A 198 -25.57 4.44 2.57
C ILE A 198 -26.98 4.89 3.05
N ALA A 199 -27.95 4.84 2.15
CA ALA A 199 -29.31 5.25 2.51
C ALA A 199 -29.94 4.24 3.46
N MET A 200 -29.55 2.98 3.30
CA MET A 200 -30.03 1.92 4.18
C MET A 200 -29.41 2.04 5.58
N ARG A 201 -28.20 2.59 5.62
CA ARG A 201 -27.44 2.82 6.85
C ARG A 201 -28.11 3.90 7.71
N ASP A 202 -28.34 5.08 7.12
CA ASP A 202 -28.96 6.21 7.81
C ASP A 202 -30.43 5.95 8.17
N LYS A 203 -30.95 4.79 7.77
CA LYS A 203 -32.31 4.43 8.16
C LYS A 203 -32.25 3.36 9.22
N GLY A 204 -31.07 2.78 9.38
CA GLY A 204 -30.79 1.84 10.46
C GLY A 204 -31.30 0.42 10.28
N LEU A 205 -31.19 -0.10 9.06
CA LEU A 205 -31.68 -1.45 8.80
C LEU A 205 -30.54 -2.44 8.58
N LEU A 206 -29.34 -2.06 9.03
CA LEU A 206 -28.16 -2.92 8.97
C LEU A 206 -27.58 -3.20 10.37
N ALA A 213 -23.31 -6.16 2.21
CA ALA A 213 -23.35 -6.51 0.80
C ALA A 213 -24.25 -7.72 0.58
N ASP A 214 -24.01 -8.75 1.38
CA ASP A 214 -24.89 -9.91 1.42
C ASP A 214 -26.05 -9.60 2.38
N ALA A 215 -25.86 -8.58 3.23
CA ALA A 215 -26.90 -8.20 4.18
C ALA A 215 -28.01 -7.37 3.51
N ILE A 216 -27.63 -6.54 2.56
CA ILE A 216 -28.58 -5.77 1.73
C ILE A 216 -29.56 -6.74 1.08
N ARG A 217 -28.99 -7.68 0.33
CA ARG A 217 -29.71 -8.75 -0.31
C ARG A 217 -30.68 -9.42 0.67
N THR A 218 -30.20 -9.70 1.89
CA THR A 218 -30.99 -10.48 2.85
C THR A 218 -32.13 -9.65 3.44
N TRP A 219 -31.86 -8.36 3.65
CA TRP A 219 -32.90 -7.47 4.12
C TRP A 219 -34.00 -7.33 3.06
N LEU A 220 -33.58 -7.01 1.84
CA LEU A 220 -34.51 -6.85 0.73
C LEU A 220 -35.36 -8.10 0.60
N ALA A 221 -34.69 -9.26 0.63
CA ALA A 221 -35.37 -10.55 0.54
C ALA A 221 -36.38 -10.79 1.65
N GLU A 222 -36.09 -10.33 2.86
CA GLU A 222 -37.01 -10.55 3.97
C GLU A 222 -38.16 -9.57 4.01
N HIS A 223 -38.13 -8.57 3.13
CA HIS A 223 -39.16 -7.53 3.16
C HIS A 223 -39.84 -7.19 1.82
N ARG A 224 -40.02 -8.20 0.96
CA ARG A 224 -40.87 -8.06 -0.22
C ARG A 224 -42.28 -7.76 0.23
N GLY A 225 -42.90 -6.73 -0.35
CA GLY A 225 -42.35 -6.02 -1.48
C GLY A 225 -42.23 -4.53 -1.27
N PRO A 226 -43.35 -3.83 -1.02
CA PRO A 226 -43.40 -2.36 -1.04
C PRO A 226 -42.34 -1.71 -0.16
N GLU A 227 -42.00 -2.36 0.95
CA GLU A 227 -40.91 -1.90 1.80
C GLU A 227 -39.60 -1.89 1.01
N ALA A 228 -39.26 -3.05 0.45
CA ALA A 228 -38.02 -3.23 -0.29
C ALA A 228 -38.09 -2.54 -1.65
N ASP A 229 -39.25 -2.61 -2.30
CA ASP A 229 -39.42 -1.94 -3.57
C ASP A 229 -39.05 -0.46 -3.44
N ALA A 230 -39.53 0.17 -2.38
CA ALA A 230 -39.29 1.60 -2.20
C ALA A 230 -37.81 1.94 -2.03
N ILE A 231 -37.02 1.01 -1.49
CA ILE A 231 -35.63 1.37 -1.32
C ILE A 231 -34.80 1.07 -2.56
N MET A 232 -35.15 0.01 -3.30
CA MET A 232 -34.46 -0.29 -4.55
C MET A 232 -34.66 0.87 -5.55
N ARG A 233 -35.87 1.42 -5.55
CA ARG A 233 -36.16 2.60 -6.34
C ARG A 233 -35.26 3.84 -6.13
N LEU A 234 -34.49 3.89 -5.05
CA LEU A 234 -33.52 4.98 -4.85
C LEU A 234 -32.38 4.87 -5.85
N ASN A 235 -32.29 3.72 -6.52
CA ASN A 235 -31.35 3.55 -7.61
C ASN A 235 -32.07 3.73 -8.94
N PRO A 236 -31.91 4.87 -9.57
CA PRO A 236 -32.75 5.09 -10.74
C PRO A 236 -32.24 4.39 -11.98
N ARG A 237 -31.05 3.80 -11.90
N ARG A 237 -31.02 3.89 -11.93
CA ARG A 237 -30.38 3.20 -13.05
CA ARG A 237 -30.50 3.22 -13.08
C ARG A 237 -30.85 1.76 -13.36
C ARG A 237 -31.36 1.98 -13.26
N TYR A 238 -31.50 1.57 -14.51
CA TYR A 238 -32.12 0.31 -14.85
C TYR A 238 -31.36 -0.35 -16.00
N VAL A 239 -31.08 -1.64 -15.86
CA VAL A 239 -30.23 -2.36 -16.80
C VAL A 239 -31.10 -3.38 -17.53
N PHE A 240 -31.01 -3.39 -18.86
CA PHE A 240 -31.81 -4.24 -19.74
C PHE A 240 -30.96 -5.40 -20.26
N PHE A 241 -31.58 -6.52 -20.58
CA PHE A 241 -30.78 -7.67 -20.97
C PHE A 241 -31.20 -8.29 -22.29
N ARG A 242 -30.37 -9.20 -22.77
CA ARG A 242 -30.86 -10.18 -23.72
C ARG A 242 -30.48 -11.56 -23.18
N THR A 243 -31.24 -12.58 -23.58
CA THR A 243 -30.96 -13.92 -23.05
C THR A 243 -30.60 -14.86 -24.15
N VAL A 244 -29.68 -15.75 -23.83
CA VAL A 244 -29.23 -16.76 -24.76
C VAL A 244 -28.85 -18.00 -23.93
N PRO A 245 -29.16 -19.21 -24.43
CA PRO A 245 -28.68 -20.47 -23.85
C PRO A 245 -27.22 -20.45 -23.38
N ASP A 246 -27.00 -20.86 -22.13
CA ASP A 246 -25.67 -20.95 -21.55
C ASP A 246 -24.91 -22.07 -22.25
N ASP A 247 -23.69 -21.79 -22.66
CA ASP A 247 -22.81 -22.75 -23.31
C ASP A 247 -21.74 -23.20 -22.31
N GLY A 248 -22.05 -23.03 -21.04
CA GLY A 248 -21.12 -23.37 -19.96
C GLY A 248 -19.77 -22.65 -19.89
N LYS A 249 -19.45 -21.78 -20.85
CA LYS A 249 -18.17 -21.05 -20.81
C LYS A 249 -18.23 -19.93 -19.77
N GLU A 250 -17.08 -19.37 -19.39
CA GLU A 250 -17.06 -18.26 -18.44
C GLU A 250 -17.80 -17.09 -19.06
N PRO A 251 -18.46 -16.27 -18.23
CA PRO A 251 -19.11 -15.13 -18.84
C PRO A 251 -18.10 -14.12 -19.39
N ALA A 252 -18.57 -13.28 -20.31
CA ALA A 252 -17.82 -12.14 -20.75
C ALA A 252 -18.19 -10.95 -19.86
N GLY A 253 -17.29 -9.99 -19.74
CA GLY A 253 -17.60 -8.78 -18.98
C GLY A 253 -17.72 -7.61 -19.93
N ALA A 254 -17.66 -6.40 -19.39
CA ALA A 254 -17.79 -5.22 -20.23
C ALA A 254 -16.90 -5.20 -21.49
N ALA A 255 -15.71 -5.77 -21.40
CA ALA A 255 -14.76 -5.69 -22.51
C ALA A 255 -15.07 -6.70 -23.61
N GLY A 256 -15.99 -7.62 -23.33
CA GLY A 256 -16.53 -8.49 -24.37
C GLY A 256 -15.77 -9.78 -24.50
N VAL A 257 -15.00 -10.10 -23.47
CA VAL A 257 -14.14 -11.27 -23.51
C VAL A 257 -14.35 -12.21 -22.31
N ALA A 258 -14.23 -13.50 -22.56
CA ALA A 258 -14.28 -14.48 -21.48
C ALA A 258 -13.36 -14.08 -20.34
N LEU A 259 -13.92 -13.85 -19.14
CA LEU A 259 -13.11 -13.56 -17.97
C LEU A 259 -12.31 -14.75 -17.39
N PRO A 260 -10.97 -14.65 -17.32
CA PRO A 260 -10.14 -15.65 -16.62
C PRO A 260 -10.22 -15.58 -15.06
N PRO A 261 -10.65 -16.68 -14.41
CA PRO A 261 -10.95 -16.73 -12.97
C PRO A 261 -9.77 -16.41 -12.07
N GLY A 262 -9.97 -15.54 -11.09
CA GLY A 262 -8.87 -15.14 -10.20
C GLY A 262 -7.85 -14.24 -10.88
N ARG A 263 -8.03 -14.00 -12.18
CA ARG A 263 -6.99 -13.29 -12.91
C ARG A 263 -7.53 -12.11 -13.72
N ALA A 264 -8.75 -11.69 -13.44
CA ALA A 264 -9.29 -10.53 -14.12
C ALA A 264 -9.91 -9.60 -13.10
N ILE A 265 -9.84 -8.30 -13.37
CA ILE A 265 -10.46 -7.31 -12.50
C ILE A 265 -11.53 -6.45 -13.21
N ALA A 266 -12.49 -5.98 -12.43
CA ALA A 266 -13.41 -4.97 -12.89
C ALA A 266 -12.88 -3.60 -12.42
N VAL A 267 -12.90 -2.61 -13.30
CA VAL A 267 -12.32 -1.30 -13.01
C VAL A 267 -13.27 -0.15 -13.29
N ASP A 268 -12.96 1.04 -12.78
CA ASP A 268 -13.53 2.29 -13.32
C ASP A 268 -12.94 2.55 -14.72
N PRO A 269 -13.77 2.47 -15.78
CA PRO A 269 -13.23 2.60 -17.13
C PRO A 269 -12.80 4.02 -17.46
N GLY A 270 -13.10 4.97 -16.58
CA GLY A 270 -12.65 6.32 -16.78
C GLY A 270 -11.24 6.51 -16.28
N TYR A 271 -10.78 5.55 -15.48
CA TYR A 271 -9.39 5.55 -15.10
C TYR A 271 -8.60 4.44 -15.81
N HIS A 272 -9.23 3.33 -16.17
CA HIS A 272 -8.48 2.19 -16.72
C HIS A 272 -9.06 1.62 -18.02
N ALA A 273 -8.25 1.63 -19.07
CA ALA A 273 -8.66 1.03 -20.32
C ALA A 273 -8.70 -0.49 -20.16
N TYR A 274 -9.54 -1.13 -20.96
CA TYR A 274 -9.71 -2.56 -20.93
C TYR A 274 -8.50 -3.20 -21.57
N GLY A 275 -8.10 -4.40 -21.14
CA GLY A 275 -6.91 -5.04 -21.69
C GLY A 275 -5.59 -4.63 -21.04
N GLY A 276 -5.60 -3.62 -20.18
CA GLY A 276 -4.37 -3.31 -19.44
C GLY A 276 -3.94 -4.46 -18.53
N PHE A 277 -2.64 -4.59 -18.33
CA PHE A 277 -2.06 -5.59 -17.49
C PHE A 277 -1.72 -4.91 -16.17
N TYR A 278 -2.14 -5.49 -15.04
CA TYR A 278 -1.93 -4.90 -13.72
C TYR A 278 -1.34 -5.83 -12.67
N TRP A 279 -0.76 -5.24 -11.63
CA TRP A 279 -0.25 -6.03 -10.53
C TRP A 279 -0.96 -5.57 -9.28
N LEU A 280 -1.59 -6.49 -8.57
CA LEU A 280 -2.27 -6.13 -7.35
C LEU A 280 -1.31 -6.41 -6.22
N ASP A 281 -1.21 -5.47 -5.30
CA ASP A 281 -0.53 -5.71 -4.04
C ASP A 281 -1.53 -5.44 -2.93
N ALA A 282 -2.20 -6.47 -2.47
CA ALA A 282 -3.25 -6.26 -1.50
C ALA A 282 -3.02 -7.12 -0.27
N ALA A 283 -3.13 -6.49 0.91
CA ALA A 283 -3.23 -7.20 2.20
C ALA A 283 -3.84 -6.28 3.28
N PHE A 291 -7.59 -13.34 6.11
CA PHE A 291 -6.15 -13.49 6.25
C PHE A 291 -5.40 -13.98 4.97
N PRO A 292 -6.12 -14.19 3.85
CA PRO A 292 -5.37 -14.46 2.61
C PRO A 292 -4.70 -13.20 2.04
N VAL A 293 -3.82 -13.40 1.05
CA VAL A 293 -3.06 -12.29 0.44
C VAL A 293 -3.08 -12.36 -1.10
N TYR A 294 -3.29 -11.21 -1.73
CA TYR A 294 -3.38 -11.18 -3.19
C TYR A 294 -2.27 -10.31 -3.73
N ARG A 295 -1.24 -10.96 -4.22
CA ARG A 295 -0.20 -10.27 -4.94
C ARG A 295 -0.06 -11.07 -6.21
N ARG A 296 -0.72 -10.61 -7.26
CA ARG A 296 -0.75 -11.32 -8.51
C ARG A 296 -1.03 -10.35 -9.65
N ALA A 297 -0.64 -10.76 -10.86
CA ALA A 297 -0.88 -10.03 -12.07
C ALA A 297 -2.24 -10.38 -12.62
N VAL A 298 -2.97 -9.36 -13.05
CA VAL A 298 -4.32 -9.52 -13.59
C VAL A 298 -4.53 -8.68 -14.85
N THR A 299 -5.58 -8.99 -15.61
CA THR A 299 -5.90 -8.17 -16.76
C THR A 299 -7.22 -7.48 -16.47
N ALA A 300 -7.37 -6.24 -16.93
CA ALA A 300 -8.61 -5.45 -16.69
C ALA A 300 -9.65 -5.65 -17.79
N LEU A 301 -10.78 -6.27 -17.46
CA LEU A 301 -11.65 -6.82 -18.50
C LEU A 301 -13.14 -6.62 -18.26
N ASP A 302 -13.49 -5.86 -17.23
CA ASP A 302 -14.87 -5.76 -16.83
C ASP A 302 -15.09 -4.50 -16.07
N THR A 303 -16.35 -4.20 -15.77
CA THR A 303 -16.66 -3.17 -14.79
C THR A 303 -17.99 -3.48 -14.08
N GLY A 304 -18.44 -2.53 -13.27
CA GLY A 304 -19.68 -2.68 -12.57
C GLY A 304 -20.17 -1.28 -12.30
N GLY A 305 -21.48 -1.13 -12.19
CA GLY A 305 -22.06 0.16 -11.89
C GLY A 305 -21.56 0.84 -10.62
N ALA A 306 -20.91 0.10 -9.72
CA ALA A 306 -20.51 0.69 -8.44
C ALA A 306 -19.00 0.90 -8.26
N ILE A 307 -18.22 0.39 -9.20
CA ILE A 307 -16.78 0.45 -9.04
C ILE A 307 -16.32 1.83 -9.49
N LYS A 308 -15.85 2.65 -8.55
CA LYS A 308 -15.45 4.02 -8.84
C LYS A 308 -14.12 4.31 -8.18
N GLY A 309 -13.26 5.04 -8.88
CA GLY A 309 -11.97 5.43 -8.29
C GLY A 309 -10.77 4.85 -9.03
N GLU A 310 -9.58 5.36 -8.71
CA GLU A 310 -8.38 5.01 -9.43
C GLU A 310 -7.75 3.74 -8.90
N VAL A 311 -7.55 3.70 -7.59
CA VAL A 311 -6.93 2.56 -6.95
C VAL A 311 -8.09 1.74 -6.42
N ARG A 312 -8.70 0.99 -7.32
CA ARG A 312 -9.91 0.30 -7.00
C ARG A 312 -10.02 -0.80 -8.00
N ALA A 313 -10.16 -2.03 -7.53
CA ALA A 313 -10.27 -3.16 -8.42
C ALA A 313 -11.21 -4.14 -7.78
N ASP A 314 -11.97 -4.84 -8.62
CA ASP A 314 -12.90 -5.86 -8.16
C ASP A 314 -12.39 -7.13 -8.82
N LEU A 315 -11.80 -8.03 -8.05
CA LEU A 315 -11.17 -9.25 -8.62
C LEU A 315 -12.21 -10.33 -8.93
N TYR A 316 -12.23 -10.76 -10.17
CA TYR A 316 -13.11 -11.83 -10.59
C TYR A 316 -12.66 -13.16 -10.02
N MET A 317 -13.49 -13.78 -9.18
CA MET A 317 -13.15 -15.09 -8.59
C MET A 317 -13.52 -16.33 -9.42
N GLY A 318 -14.50 -16.22 -10.32
CA GLY A 318 -14.94 -17.37 -11.14
C GLY A 318 -16.45 -17.53 -11.14
N SER A 319 -16.96 -18.71 -11.54
CA SER A 319 -18.43 -18.86 -11.60
C SER A 319 -19.03 -19.96 -10.73
N GLY A 320 -18.19 -20.87 -10.24
CA GLY A 320 -18.65 -21.94 -9.38
C GLY A 320 -18.95 -21.60 -7.92
N ALA A 321 -19.09 -22.64 -7.10
CA ALA A 321 -19.39 -22.49 -5.68
C ALA A 321 -18.17 -22.01 -4.89
N VAL A 322 -16.99 -22.51 -5.22
CA VAL A 322 -15.79 -22.08 -4.51
C VAL A 322 -15.64 -20.55 -4.69
N ALA A 323 -15.96 -20.08 -5.89
CA ALA A 323 -15.82 -18.67 -6.23
C ALA A 323 -16.73 -17.79 -5.40
N GLY A 324 -17.96 -18.23 -5.23
CA GLY A 324 -18.92 -17.49 -4.44
C GLY A 324 -18.41 -17.32 -3.02
N VAL A 325 -17.75 -18.35 -2.50
CA VAL A 325 -17.23 -18.29 -1.13
C VAL A 325 -15.96 -17.43 -0.97
N GLU A 326 -14.97 -17.60 -1.84
CA GLU A 326 -13.77 -16.75 -1.77
C GLU A 326 -14.03 -15.23 -2.00
N ALA A 327 -14.93 -14.89 -2.91
CA ALA A 327 -15.17 -13.49 -3.28
C ALA A 327 -15.60 -12.64 -2.10
N GLY A 328 -16.44 -13.21 -1.24
CA GLY A 328 -16.94 -12.50 -0.08
C GLY A 328 -15.87 -12.23 0.96
N ARG A 329 -14.75 -12.96 0.91
CA ARG A 329 -13.65 -12.76 1.87
C ARG A 329 -12.74 -11.55 1.56
N VAL A 330 -12.85 -11.00 0.34
CA VAL A 330 -11.94 -9.96 -0.11
C VAL A 330 -12.43 -8.53 0.15
N ARG A 331 -11.70 -7.84 1.00
CA ARG A 331 -11.89 -6.43 1.30
C ARG A 331 -10.52 -5.97 1.80
N HIS A 332 -9.66 -5.60 0.86
CA HIS A 332 -8.27 -5.42 1.19
C HIS A 332 -7.77 -4.05 0.78
N THR A 333 -6.78 -3.58 1.54
CA THR A 333 -6.01 -2.40 1.24
C THR A 333 -5.20 -2.71 0.00
N LEU A 334 -5.28 -1.83 -0.99
CA LEU A 334 -4.77 -2.15 -2.32
C LEU A 334 -3.80 -1.10 -2.73
N ARG A 335 -2.64 -1.55 -3.17
CA ARG A 335 -1.73 -0.70 -3.93
C ARG A 335 -1.66 -1.31 -5.33
N LEU A 336 -1.83 -0.48 -6.35
CA LEU A 336 -1.98 -0.98 -7.72
C LEU A 336 -0.87 -0.49 -8.66
N TYR A 337 -0.52 -1.29 -9.66
CA TYR A 337 0.52 -0.92 -10.60
C TYR A 337 0.11 -1.34 -12.00
N ARG A 338 0.49 -0.54 -12.98
CA ARG A 338 0.33 -0.93 -14.35
C ARG A 338 1.56 -1.72 -14.73
N LEU A 339 1.39 -2.74 -15.56
CA LEU A 339 2.52 -3.40 -16.14
C LEU A 339 2.45 -2.96 -17.56
N THR A 340 3.28 -1.97 -17.89
CA THR A 340 3.12 -1.27 -19.13
C THR A 340 4.07 -1.90 -20.13
N PRO A 341 3.55 -2.24 -21.32
CA PRO A 341 4.41 -2.82 -22.34
C PRO A 341 5.48 -1.80 -22.73
N ASN A 342 6.71 -2.25 -22.95
CA ASN A 342 7.79 -1.43 -23.45
C ASN A 342 7.50 -0.90 -24.86
N PRO A 343 7.72 0.41 -25.06
CA PRO A 343 7.70 1.08 -26.36
C PRO A 343 8.83 0.58 -27.29
N LEU B 10 42.48 5.43 -10.38
CA LEU B 10 41.34 6.15 -9.75
C LEU B 10 41.84 7.39 -9.01
N SER B 11 41.43 8.56 -9.49
CA SER B 11 41.72 9.82 -8.81
C SER B 11 40.47 10.67 -8.72
N PHE B 12 40.63 11.91 -8.28
CA PHE B 12 39.50 12.83 -8.10
C PHE B 12 38.99 13.35 -9.43
N ALA B 13 39.83 13.30 -10.46
CA ALA B 13 39.42 13.63 -11.82
C ALA B 13 38.43 12.58 -12.36
N GLY B 14 38.69 11.30 -12.05
CA GLY B 14 37.86 10.20 -12.53
C GLY B 14 36.70 9.84 -11.61
N LEU B 15 36.36 10.76 -10.71
CA LEU B 15 35.23 10.56 -9.81
C LEU B 15 33.94 11.17 -10.36
N ALA B 16 33.11 10.32 -10.92
CA ALA B 16 31.76 10.70 -11.33
C ALA B 16 31.06 11.34 -10.13
N GLY B 17 30.81 12.65 -10.23
CA GLY B 17 30.11 13.39 -9.21
C GLY B 17 30.98 14.41 -8.49
N TRP B 18 32.28 14.15 -8.44
CA TRP B 18 33.17 14.99 -7.64
C TRP B 18 33.24 16.45 -8.12
N ALA B 19 32.93 16.68 -9.40
CA ALA B 19 32.82 18.03 -9.92
C ALA B 19 31.71 18.79 -9.19
N GLU B 20 30.50 18.23 -9.18
CA GLU B 20 29.32 18.94 -8.66
C GLU B 20 29.20 19.01 -7.13
N GLU B 21 29.96 18.16 -6.43
CA GLU B 21 29.89 18.02 -4.97
C GLU B 21 30.07 19.34 -4.20
N ASP B 22 29.35 19.51 -3.10
CA ASP B 22 29.54 20.67 -2.22
C ASP B 22 30.73 20.40 -1.29
N HIS B 23 31.92 20.77 -1.75
CA HIS B 23 33.15 20.41 -1.07
C HIS B 23 33.27 20.99 0.34
N LEU B 24 32.66 22.13 0.57
CA LEU B 24 32.65 22.70 1.91
C LEU B 24 32.00 21.72 2.90
N ALA B 25 30.80 21.26 2.56
CA ALA B 25 30.05 20.36 3.43
C ALA B 25 30.77 19.01 3.58
N ALA B 26 31.45 18.59 2.51
CA ALA B 26 32.25 17.37 2.49
C ALA B 26 33.34 17.41 3.55
N LEU B 27 34.07 18.51 3.60
CA LEU B 27 35.13 18.71 4.58
C LEU B 27 34.58 18.85 6.00
N ASN B 28 33.45 19.53 6.13
CA ASN B 28 32.80 19.62 7.44
C ASN B 28 32.30 18.26 7.89
N ALA B 29 32.01 17.40 6.90
CA ALA B 29 31.66 16.02 7.18
C ALA B 29 32.85 15.28 7.78
N PHE B 30 34.02 15.46 7.16
CA PHE B 30 35.25 14.85 7.67
C PHE B 30 35.56 15.39 9.06
N ARG B 31 35.40 16.70 9.22
CA ARG B 31 35.70 17.34 10.48
C ARG B 31 34.77 16.90 11.60
N ALA B 32 33.63 16.32 11.24
CA ALA B 32 32.56 16.08 12.18
C ALA B 32 32.76 15.12 13.36
N GLY B 33 33.27 13.89 13.21
CA GLY B 33 33.97 13.33 12.06
C GLY B 33 35.25 12.63 12.51
N CYS B 34 36.38 13.17 12.08
CA CYS B 34 37.71 12.56 12.23
C CYS B 34 38.19 12.39 13.66
N GLY B 35 37.82 13.33 14.53
CA GLY B 35 38.28 13.34 15.92
C GLY B 35 38.04 12.05 16.68
N VAL B 36 37.18 11.21 16.14
CA VAL B 36 36.80 9.97 16.80
C VAL B 36 37.65 8.80 16.26
N SER B 37 38.40 9.05 15.17
CA SER B 37 39.25 8.04 14.52
C SER B 37 40.44 7.55 15.36
N LYS B 38 40.74 6.25 15.29
CA LYS B 38 41.90 5.70 16.01
C LYS B 38 43.07 5.54 15.05
N ASP B 39 42.94 6.12 13.85
CA ASP B 39 43.98 6.07 12.82
C ASP B 39 44.88 7.30 12.86
N PRO B 40 46.16 7.08 13.22
CA PRO B 40 47.23 8.08 13.25
C PRO B 40 47.23 9.02 12.05
N ALA B 41 47.08 8.46 10.86
CA ALA B 41 47.07 9.26 9.66
C ALA B 41 45.87 10.20 9.65
N ALA B 42 44.70 9.70 10.08
CA ALA B 42 43.50 10.53 10.12
C ALA B 42 43.67 11.63 11.16
N ALA B 43 44.19 11.28 12.33
CA ALA B 43 44.46 12.30 13.35
C ALA B 43 45.35 13.42 12.81
N ARG B 44 46.38 13.03 12.06
CA ARG B 44 47.29 13.97 11.40
C ARG B 44 46.48 15.00 10.59
N VAL B 45 45.59 14.52 9.73
CA VAL B 45 44.77 15.36 8.87
C VAL B 45 43.65 16.08 9.62
N CYS B 46 43.17 15.49 10.70
CA CYS B 46 42.10 16.10 11.49
C CYS B 46 42.58 17.42 12.07
N GLY B 47 43.71 17.37 12.77
CA GLY B 47 44.30 18.57 13.38
C GLY B 47 44.62 19.61 12.34
N LEU B 48 45.19 19.14 11.24
CA LEU B 48 45.54 19.93 10.07
C LEU B 48 44.34 20.68 9.47
N ALA B 49 43.17 20.07 9.52
CA ALA B 49 41.94 20.67 8.98
C ALA B 49 41.20 21.55 10.00
N LYS B 50 41.44 21.29 11.29
CA LYS B 50 40.83 22.10 12.35
C LYS B 50 41.40 23.51 12.36
N ALA B 51 42.63 23.65 11.85
CA ALA B 51 43.26 24.96 11.72
C ALA B 51 42.69 25.72 10.51
N THR B 52 42.92 25.17 9.33
CA THR B 52 42.54 25.81 8.08
C THR B 52 41.04 26.08 8.00
N LEU B 55 37.85 29.14 5.35
CA LEU B 55 37.87 28.48 4.05
C LEU B 55 36.59 28.69 3.26
N ASP B 56 36.63 28.36 1.98
CA ASP B 56 35.46 28.49 1.10
C ASP B 56 35.31 27.27 0.20
N VAL B 57 34.25 27.25 -0.61
CA VAL B 57 33.94 26.11 -1.49
C VAL B 57 35.08 25.67 -2.44
N SER B 58 35.90 26.62 -2.89
CA SER B 58 37.04 26.29 -3.76
C SER B 58 38.28 25.84 -2.96
N GLY B 59 38.45 26.42 -1.77
CA GLY B 59 39.59 26.10 -0.91
C GLY B 59 39.51 24.71 -0.28
N ALA B 60 38.27 24.28 -0.04
CA ALA B 60 37.99 22.97 0.56
C ALA B 60 38.20 21.84 -0.45
N LYS B 61 37.74 22.05 -1.68
CA LYS B 61 37.97 21.06 -2.73
C LYS B 61 39.46 20.77 -2.78
N ALA B 62 40.25 21.85 -2.85
CA ALA B 62 41.69 21.77 -2.90
C ALA B 62 42.29 21.05 -1.69
N PHE B 63 41.85 21.44 -0.49
CA PHE B 63 42.31 20.82 0.76
C PHE B 63 42.11 19.30 0.78
N ILE B 64 40.94 18.85 0.32
CA ILE B 64 40.61 17.42 0.25
C ILE B 64 41.44 16.71 -0.82
N GLU B 65 41.56 17.33 -1.99
CA GLU B 65 42.31 16.74 -3.10
C GLU B 65 43.81 16.58 -2.79
N ALA B 66 44.29 17.36 -1.83
CA ALA B 66 45.72 17.35 -1.45
C ALA B 66 46.02 16.46 -0.24
N ASN B 67 45.00 15.85 0.35
CA ASN B 67 45.17 15.18 1.62
C ASN B 67 44.61 13.77 1.74
N PHE B 68 43.79 13.36 0.77
CA PHE B 68 43.25 12.00 0.74
C PHE B 68 43.45 11.42 -0.62
N ARG B 69 43.48 10.10 -0.71
CA ARG B 69 43.48 9.44 -2.01
C ARG B 69 42.27 8.54 -2.04
N VAL B 70 41.63 8.42 -3.21
CA VAL B 70 40.42 7.64 -3.32
C VAL B 70 40.71 6.17 -3.60
N GLU B 71 39.96 5.28 -2.96
CA GLU B 71 40.22 3.87 -3.07
C GLU B 71 38.91 3.11 -2.97
N ALA B 72 38.71 2.18 -3.89
CA ALA B 72 37.46 1.43 -3.97
C ALA B 72 37.38 0.43 -2.84
N VAL B 73 36.16 0.09 -2.43
CA VAL B 73 35.95 -0.92 -1.39
C VAL B 73 35.51 -2.21 -2.04
N ASP B 74 35.99 -3.34 -1.51
CA ASP B 74 35.70 -4.67 -2.07
C ASP B 74 35.91 -4.68 -3.59
N GLY B 75 37.09 -4.24 -4.03
CA GLY B 75 37.40 -4.20 -5.46
C GLY B 75 36.57 -3.20 -6.23
N GLY B 76 35.44 -2.77 -5.65
CA GLY B 76 34.50 -1.89 -6.33
C GLY B 76 33.18 -2.61 -6.59
N GLY B 77 32.95 -3.68 -5.82
CA GLY B 77 31.71 -4.45 -5.93
C GLY B 77 30.47 -3.67 -5.54
N ASP B 78 29.32 -4.19 -5.94
CA ASP B 78 28.03 -3.52 -5.72
C ASP B 78 27.44 -3.86 -4.35
N GLY B 79 26.93 -2.85 -3.66
CA GLY B 79 26.19 -3.12 -2.43
C GLY B 79 24.89 -2.35 -2.36
N LEU B 80 24.54 -1.95 -1.15
CA LEU B 80 23.25 -1.36 -0.87
C LEU B 80 23.35 -0.07 -0.04
N LEU B 81 22.76 1.00 -0.58
CA LEU B 81 22.52 2.24 0.17
C LEU B 81 21.06 2.33 0.61
N THR B 82 20.86 2.48 1.91
CA THR B 82 19.55 2.86 2.43
C THR B 82 19.71 4.15 3.27
N ALA B 83 18.67 4.55 3.98
CA ALA B 83 18.78 5.74 4.78
C ALA B 83 17.90 5.65 6.00
N TYR B 84 18.14 6.54 6.94
CA TYR B 84 17.40 6.51 8.17
C TYR B 84 17.34 7.93 8.68
N PHE B 85 16.54 8.15 9.71
CA PHE B 85 16.42 9.48 10.28
C PHE B 85 16.14 9.33 11.77
N ALA B 86 16.17 10.43 12.51
CA ALA B 86 15.77 10.41 13.91
C ALA B 86 14.39 11.04 14.08
N PRO B 87 13.37 10.24 14.40
CA PRO B 87 12.07 10.85 14.67
C PRO B 87 12.15 11.90 15.79
N GLN B 88 11.29 12.91 15.74
CA GLN B 88 11.34 13.97 16.72
C GLN B 88 9.95 14.27 17.22
N TYR B 89 9.81 14.34 18.53
CA TYR B 89 8.51 14.56 19.14
C TYR B 89 8.65 15.57 20.24
N GLU B 90 7.60 16.36 20.42
CA GLU B 90 7.51 17.23 21.60
C GLU B 90 7.20 16.38 22.82
N ALA B 91 7.63 16.85 23.96
CA ALA B 91 7.21 16.23 25.20
C ALA B 91 7.11 17.28 26.31
N ARG B 92 6.57 16.88 27.44
CA ARG B 92 6.52 17.77 28.58
C ARG B 92 7.03 16.98 29.80
N MET B 93 7.58 17.65 30.80
CA MET B 93 8.02 16.96 32.01
C MET B 93 6.87 16.72 33.04
N SER B 94 5.69 17.28 32.80
CA SER B 94 4.54 16.98 33.65
C SER B 94 3.37 16.59 32.80
N ARG B 95 2.53 15.72 33.33
CA ARG B 95 1.40 15.27 32.57
C ARG B 95 0.43 16.44 32.32
N ASN B 96 -0.29 16.40 31.20
CA ASN B 96 -1.52 17.16 31.03
C ASN B 96 -2.35 16.37 30.07
N ALA B 97 -3.67 16.59 30.03
CA ALA B 97 -4.56 15.77 29.19
C ALA B 97 -4.13 15.61 27.71
N GLU B 98 -3.23 16.47 27.22
CA GLU B 98 -2.73 16.30 25.85
C GLU B 98 -1.55 15.33 25.88
N PHE B 99 -0.57 15.67 26.68
CA PHE B 99 0.62 14.88 26.86
C PHE B 99 0.36 13.94 28.03
N SER B 100 -0.56 12.99 27.81
CA SER B 100 -1.10 12.17 28.87
C SER B 100 -0.48 10.77 29.03
N ALA B 101 0.48 10.41 28.18
CA ALA B 101 1.07 9.07 28.22
C ALA B 101 2.48 9.16 28.73
N PRO B 102 2.81 8.34 29.74
CA PRO B 102 4.16 8.42 30.23
C PRO B 102 5.08 7.56 29.41
N LEU B 103 6.32 8.00 29.29
CA LEU B 103 7.35 7.24 28.61
C LEU B 103 7.99 6.48 29.76
N ARG B 104 7.85 5.16 29.75
CA ARG B 104 8.22 4.35 30.92
C ARG B 104 9.54 3.64 30.76
N GLY B 105 10.34 3.60 31.82
CA GLY B 105 11.61 2.85 31.80
C GLY B 105 11.42 1.35 31.92
N LEU B 106 12.49 0.59 31.79
CA LEU B 106 12.45 -0.87 31.87
C LEU B 106 12.11 -1.27 33.30
N PRO B 107 10.98 -1.96 33.50
CA PRO B 107 10.68 -2.34 34.89
C PRO B 107 11.76 -3.27 35.47
N ALA B 108 12.03 -3.12 36.76
CA ALA B 108 13.03 -3.93 37.47
C ALA B 108 12.67 -5.43 37.51
N ASP B 109 11.38 -5.73 37.66
CA ASP B 109 10.88 -7.09 37.74
C ASP B 109 10.76 -7.82 36.40
N LEU B 110 11.00 -7.13 35.28
CA LEU B 110 10.80 -7.76 33.99
C LEU B 110 12.02 -8.61 33.62
N VAL B 111 11.77 -9.86 33.21
CA VAL B 111 12.84 -10.79 32.87
C VAL B 111 12.57 -11.42 31.52
N VAL B 112 13.62 -11.53 30.71
CA VAL B 112 13.59 -12.26 29.43
C VAL B 112 14.39 -13.57 29.53
N LEU B 113 13.69 -14.69 29.40
CA LEU B 113 14.34 -16.00 29.58
C LEU B 113 14.70 -16.67 28.29
N ASP B 114 15.98 -16.96 28.09
CA ASP B 114 16.40 -17.85 27.02
C ASP B 114 15.90 -19.25 27.37
N LEU B 115 15.17 -19.89 26.45
CA LEU B 115 14.62 -21.20 26.71
C LEU B 115 15.58 -22.36 26.48
N GLY B 116 16.61 -22.12 25.65
CA GLY B 116 17.61 -23.15 25.32
C GLY B 116 18.14 -23.88 26.55
N PRO B 117 18.71 -23.14 27.51
CA PRO B 117 19.21 -23.74 28.75
C PRO B 117 18.21 -24.63 29.50
N PHE B 118 16.91 -24.50 29.23
CA PHE B 118 15.91 -25.36 29.90
C PHE B 118 15.63 -26.60 29.05
N GLU B 119 15.56 -26.42 27.73
CA GLU B 119 15.17 -27.46 26.79
C GLU B 119 15.85 -27.16 25.48
N PRO B 120 16.86 -27.96 25.12
CA PRO B 120 17.64 -27.71 23.91
C PRO B 120 16.75 -27.63 22.66
N ALA B 121 15.58 -28.22 22.71
CA ALA B 121 14.72 -28.14 21.53
C ALA B 121 14.17 -26.72 21.30
N LEU B 122 14.22 -25.89 22.34
CA LEU B 122 13.65 -24.54 22.31
C LEU B 122 14.76 -23.53 22.25
N VAL B 123 15.95 -23.98 21.87
CA VAL B 123 17.05 -23.06 21.69
C VAL B 123 16.62 -21.90 20.79
N GLY B 124 16.97 -20.68 21.20
CA GLY B 124 16.67 -19.50 20.40
C GLY B 124 15.33 -18.84 20.69
N LYS B 125 14.48 -19.52 21.45
CA LYS B 125 13.18 -18.97 21.83
C LYS B 125 13.35 -18.20 23.12
N LYS B 126 12.36 -17.37 23.45
CA LYS B 126 12.42 -16.49 24.61
C LYS B 126 11.02 -16.26 25.11
N ILE B 127 10.88 -16.04 26.40
CA ILE B 127 9.59 -15.63 26.92
C ILE B 127 9.91 -14.53 27.88
N THR B 128 8.94 -13.68 28.15
CA THR B 128 9.15 -12.52 29.00
C THR B 128 8.10 -12.54 30.07
N GLY B 129 8.51 -12.37 31.31
CA GLY B 129 7.51 -12.32 32.36
C GLY B 129 8.20 -11.86 33.62
N HIS B 130 7.53 -12.01 34.77
CA HIS B 130 8.12 -11.68 36.05
C HIS B 130 7.83 -12.78 37.05
N VAL B 131 8.62 -12.83 38.11
CA VAL B 131 8.40 -13.80 39.17
C VAL B 131 7.19 -13.43 40.02
N GLU B 132 6.23 -14.35 40.12
CA GLU B 132 5.09 -14.16 40.99
C GLU B 132 4.96 -15.37 41.91
N GLY B 133 5.30 -15.13 43.18
CA GLY B 133 5.25 -16.16 44.19
C GLY B 133 6.43 -17.09 44.04
N SER B 134 6.15 -18.33 43.64
CA SER B 134 7.18 -19.32 43.36
C SER B 134 7.14 -19.81 41.90
N THR B 135 6.34 -19.14 41.06
CA THR B 135 6.37 -19.36 39.62
C THR B 135 6.82 -18.11 38.85
N PHE B 136 6.41 -18.07 37.59
CA PHE B 136 6.81 -17.07 36.63
C PHE B 136 5.57 -16.94 35.76
N VAL B 137 5.13 -15.70 35.55
CA VAL B 137 3.93 -15.43 34.78
C VAL B 137 4.27 -14.47 33.64
N PRO B 138 3.44 -14.48 32.59
CA PRO B 138 3.61 -13.57 31.44
C PRO B 138 3.56 -12.11 31.89
N TYR B 139 4.40 -11.27 31.31
CA TYR B 139 4.32 -9.84 31.58
C TYR B 139 2.94 -9.27 31.16
N PRO B 140 2.40 -8.31 31.95
CA PRO B 140 1.17 -7.59 31.59
C PRO B 140 1.17 -7.04 30.16
N ASP B 141 0.01 -7.09 29.49
CA ASP B 141 -0.07 -6.40 28.20
C ASP B 141 -0.21 -4.88 28.36
N ARG B 142 -0.27 -4.19 27.22
CA ARG B 142 -0.41 -2.73 27.16
C ARG B 142 -1.54 -2.24 28.03
N ALA B 143 -2.72 -2.79 27.84
CA ALA B 143 -3.88 -2.36 28.57
C ALA B 143 -3.66 -2.44 30.07
N GLU B 144 -2.85 -3.39 30.53
CA GLU B 144 -2.64 -3.55 31.97
C GLU B 144 -1.54 -2.63 32.49
N ILE B 145 -0.54 -2.39 31.65
CA ILE B 145 0.53 -1.48 31.99
C ILE B 145 0.00 -0.04 31.98
N GLU B 146 -0.87 0.28 31.04
CA GLU B 146 -1.34 1.66 30.95
C GLU B 146 -2.25 1.97 32.14
N ALA B 147 -2.90 0.94 32.68
CA ALA B 147 -3.77 1.08 33.86
C ALA B 147 -3.00 0.98 35.18
N THR B 148 -1.67 0.99 35.12
CA THR B 148 -0.84 1.00 36.30
C THR B 148 -0.12 2.35 36.35
N PRO B 149 -0.47 3.18 37.33
CA PRO B 149 0.03 4.56 37.44
C PRO B 149 1.55 4.70 37.46
N SER B 150 2.07 5.66 36.72
CA SER B 150 3.49 5.74 36.54
C SER B 150 4.21 6.39 37.69
N ASP B 151 5.00 5.56 38.34
CA ASP B 151 5.87 5.92 39.42
C ASP B 151 6.84 7.03 39.01
N LYS B 152 7.76 6.71 38.08
CA LYS B 152 8.79 7.66 37.63
C LYS B 152 8.91 7.70 36.10
N PRO B 153 7.96 8.38 35.43
CA PRO B 153 8.00 8.49 33.97
C PRO B 153 9.27 9.19 33.52
N LEU B 154 9.71 8.88 32.31
CA LEU B 154 10.90 9.56 31.80
C LEU B 154 10.52 10.91 31.12
N ALA B 155 9.21 11.08 30.88
CA ALA B 155 8.66 12.22 30.16
C ALA B 155 7.20 11.87 29.90
N TRP B 156 6.48 12.80 29.28
CA TRP B 156 5.06 12.66 29.00
C TRP B 156 4.88 13.08 27.55
N MET B 157 4.00 12.40 26.84
CA MET B 157 4.01 12.50 25.40
C MET B 157 2.58 12.37 25.05
N ARG B 158 2.23 12.86 23.85
CA ARG B 158 0.93 12.60 23.33
C ARG B 158 0.88 11.10 23.11
N PRO B 159 -0.18 10.45 23.57
CA PRO B 159 -0.26 8.98 23.51
C PRO B 159 -0.08 8.41 22.10
N GLU B 160 -0.79 8.95 21.13
CA GLU B 160 -0.64 8.49 19.75
C GLU B 160 0.78 8.69 19.24
N GLU B 161 1.51 9.68 19.76
CA GLU B 161 2.91 9.80 19.35
C GLU B 161 3.84 8.82 20.06
N LEU B 162 3.55 8.49 21.32
CA LEU B 162 4.29 7.47 22.03
C LEU B 162 4.07 6.13 21.31
N PHE B 163 2.85 5.91 20.86
CA PHE B 163 2.49 4.69 20.19
C PHE B 163 3.37 4.53 18.95
N PHE B 164 3.66 5.62 18.28
CA PHE B 164 4.48 5.52 17.09
C PHE B 164 5.96 5.41 17.41
N LEU B 165 6.42 6.15 18.40
CA LEU B 165 7.77 6.02 18.91
C LEU B 165 8.06 4.55 19.24
N GLN B 166 7.10 3.90 19.90
CA GLN B 166 7.19 2.49 20.28
C GLN B 166 7.36 1.52 19.12
N ILE B 167 6.83 1.89 17.97
CA ILE B 167 7.02 1.09 16.79
C ILE B 167 8.38 1.38 16.17
N GLN B 168 8.88 2.59 16.35
CA GLN B 168 10.06 3.02 15.60
C GLN B 168 11.33 2.63 16.34
N GLY B 169 11.23 2.58 17.67
CA GLY B 169 12.33 2.12 18.48
C GLY B 169 13.22 3.20 19.05
N SER B 170 13.13 4.42 18.53
CA SER B 170 13.99 5.46 19.09
C SER B 170 13.67 6.80 18.46
N GLY B 171 14.12 7.87 19.10
CA GLY B 171 13.71 9.19 18.66
C GLY B 171 14.22 10.24 19.60
N VAL B 172 14.08 11.48 19.19
CA VAL B 172 14.55 12.59 19.99
C VAL B 172 13.33 13.24 20.59
N LEU B 173 13.43 13.69 21.84
CA LEU B 173 12.32 14.37 22.46
C LEU B 173 12.68 15.80 22.77
N VAL B 174 11.73 16.68 22.51
CA VAL B 174 11.98 18.10 22.62
C VAL B 174 11.04 18.71 23.62
N LEU B 175 11.63 19.38 24.60
CA LEU B 175 10.87 20.08 25.62
C LEU B 175 10.73 21.57 25.26
N PRO B 176 9.67 22.20 25.78
CA PRO B 176 9.44 23.63 25.61
C PRO B 176 10.64 24.57 25.86
N ASP B 177 11.52 24.27 26.81
CA ASP B 177 12.69 25.11 27.01
C ASP B 177 13.88 24.69 26.15
N GLY B 178 13.63 23.94 25.09
CA GLY B 178 14.71 23.59 24.18
C GLY B 178 15.62 22.40 24.55
N ARG B 179 15.57 21.94 25.80
CA ARG B 179 16.26 20.70 26.17
C ARG B 179 15.80 19.49 25.34
N ARG B 180 16.77 18.70 24.89
CA ARG B 180 16.47 17.50 24.11
C ARG B 180 17.02 16.23 24.77
N VAL B 181 16.19 15.19 24.88
CA VAL B 181 16.67 13.87 25.24
C VAL B 181 16.42 12.89 24.12
N ARG B 182 17.34 11.95 24.03
CA ARG B 182 17.29 10.87 23.10
C ARG B 182 16.54 9.77 23.83
N ALA B 183 15.57 9.16 23.17
CA ALA B 183 14.80 8.06 23.74
C ALA B 183 15.31 6.79 23.09
N VAL B 184 15.93 5.91 23.88
CA VAL B 184 16.61 4.70 23.36
C VAL B 184 15.83 3.47 23.79
N PHE B 185 15.59 2.57 22.84
CA PHE B 185 14.89 1.32 23.11
C PHE B 185 15.52 0.56 24.31
N ALA B 186 14.70 0.10 25.25
CA ALA B 186 15.21 -0.58 26.47
C ALA B 186 14.70 -2.01 26.64
N GLY B 187 13.59 -2.34 25.99
CA GLY B 187 12.99 -3.64 26.11
C GLY B 187 11.51 -3.61 25.83
N THR B 188 10.89 -4.77 26.05
CA THR B 188 9.51 -5.03 25.66
C THR B 188 8.80 -5.92 26.68
N ASN B 189 7.47 -5.92 26.66
CA ASN B 189 6.72 -6.84 27.49
C ASN B 189 6.51 -8.21 26.79
N GLY B 190 7.24 -8.45 25.70
CA GLY B 190 7.24 -9.73 25.04
C GLY B 190 5.98 -10.13 24.31
N LYS B 191 5.07 -9.20 24.09
CA LYS B 191 3.88 -9.54 23.33
C LYS B 191 4.04 -9.10 21.89
N PRO B 192 3.34 -9.77 20.97
CA PRO B 192 3.55 -9.39 19.56
C PRO B 192 2.72 -8.17 19.18
N PHE B 193 3.23 -7.38 18.25
CA PHE B 193 2.52 -6.24 17.73
C PHE B 193 1.22 -6.68 17.09
N VAL B 194 0.18 -5.92 17.30
CA VAL B 194 -1.06 -6.14 16.58
C VAL B 194 -1.44 -4.79 16.01
N GLY B 195 -1.48 -4.72 14.69
CA GLY B 195 -1.83 -3.50 13.97
C GLY B 195 -3.26 -3.12 14.21
N ILE B 196 -3.56 -1.83 14.04
CA ILE B 196 -4.91 -1.35 14.34
C ILE B 196 -5.64 -0.77 13.14
N ALA B 197 -4.96 -0.69 12.00
CA ALA B 197 -5.57 -0.08 10.82
C ALA B 197 -6.91 -0.72 10.52
N ILE B 198 -6.91 -2.04 10.33
CA ILE B 198 -8.11 -2.74 9.89
C ILE B 198 -9.18 -2.80 10.99
N ALA B 199 -8.79 -2.82 12.24
CA ALA B 199 -9.78 -2.79 13.31
C ALA B 199 -10.47 -1.42 13.34
N MET B 200 -9.71 -0.40 12.94
CA MET B 200 -10.23 0.96 12.87
C MET B 200 -11.11 1.08 11.62
N ARG B 201 -10.63 0.52 10.52
CA ARG B 201 -11.31 0.57 9.22
C ARG B 201 -12.66 -0.14 9.26
N ASP B 202 -12.70 -1.31 9.89
CA ASP B 202 -13.94 -2.05 10.07
C ASP B 202 -14.75 -1.47 11.23
N LYS B 203 -14.73 -0.14 11.36
CA LYS B 203 -15.43 0.54 12.44
C LYS B 203 -15.97 1.84 11.90
N GLY B 204 -15.77 2.08 10.61
CA GLY B 204 -16.24 3.28 9.94
C GLY B 204 -15.43 4.49 10.37
N LEU B 205 -14.11 4.31 10.47
CA LEU B 205 -13.19 5.38 10.83
C LEU B 205 -12.21 5.61 9.67
N THR B 211 -5.83 5.43 4.92
CA THR B 211 -5.58 4.30 5.79
C THR B 211 -4.12 4.29 6.28
N SER B 212 -3.38 5.33 5.91
CA SER B 212 -1.96 5.46 6.22
C SER B 212 -1.71 5.84 7.67
N ALA B 213 -0.43 5.84 8.04
CA ALA B 213 0.03 6.13 9.40
C ALA B 213 -0.36 7.54 9.84
N ASP B 214 -0.23 8.50 8.94
CA ASP B 214 -0.58 9.88 9.25
C ASP B 214 -2.07 9.96 9.49
N ALA B 215 -2.82 9.17 8.73
CA ALA B 215 -4.27 9.18 8.81
C ALA B 215 -4.76 8.56 10.10
N ILE B 216 -4.02 7.58 10.60
CA ILE B 216 -4.35 6.95 11.87
C ILE B 216 -3.97 7.89 13.02
N ARG B 217 -2.82 8.54 12.88
CA ARG B 217 -2.33 9.50 13.86
C ARG B 217 -3.29 10.67 14.01
N THR B 218 -3.73 11.23 12.88
CA THR B 218 -4.72 12.28 12.91
C THR B 218 -5.95 11.83 13.68
N TRP B 219 -6.52 10.69 13.32
CA TRP B 219 -7.75 10.25 13.99
C TRP B 219 -7.54 10.09 15.49
N LEU B 220 -6.41 9.49 15.85
CA LEU B 220 -6.14 9.18 17.24
C LEU B 220 -5.93 10.47 18.02
N ALA B 221 -5.33 11.46 17.38
CA ALA B 221 -5.13 12.76 18.01
C ALA B 221 -6.45 13.46 18.28
N GLU B 222 -7.31 13.51 17.26
CA GLU B 222 -8.60 14.17 17.40
C GLU B 222 -9.53 13.49 18.38
N HIS B 223 -9.40 12.18 18.55
CA HIS B 223 -10.29 11.46 19.45
C HIS B 223 -9.58 11.09 20.74
N ARG B 224 -8.45 11.76 20.95
CA ARG B 224 -7.64 11.59 22.13
C ARG B 224 -8.49 11.52 23.38
N GLY B 225 -8.20 10.53 24.22
CA GLY B 225 -9.00 10.26 25.41
C GLY B 225 -9.41 8.80 25.40
N PRO B 226 -10.49 8.47 26.10
CA PRO B 226 -11.09 7.15 26.18
C PRO B 226 -11.29 6.44 24.83
N GLU B 227 -11.73 7.22 23.83
CA GLU B 227 -11.98 6.67 22.50
C GLU B 227 -10.72 6.15 21.84
N ALA B 228 -9.72 7.00 21.73
CA ALA B 228 -8.44 6.62 21.17
C ALA B 228 -7.78 5.51 21.98
N ASP B 229 -7.76 5.67 23.30
CA ASP B 229 -7.15 4.68 24.18
C ASP B 229 -7.69 3.26 23.93
N ALA B 230 -9.00 3.14 23.71
CA ALA B 230 -9.63 1.83 23.52
C ALA B 230 -9.11 1.10 22.30
N ILE B 231 -8.77 1.84 21.25
CA ILE B 231 -8.29 1.13 20.10
C ILE B 231 -6.78 0.91 20.16
N MET B 232 -6.03 1.79 20.81
CA MET B 232 -4.59 1.53 20.96
C MET B 232 -4.38 0.29 21.82
N ARG B 233 -5.35 -0.02 22.66
CA ARG B 233 -5.28 -1.14 23.58
C ARG B 233 -5.37 -2.48 22.86
N LEU B 234 -5.79 -2.45 21.60
CA LEU B 234 -5.87 -3.67 20.81
C LEU B 234 -4.47 -4.16 20.44
N ASN B 235 -3.48 -3.27 20.57
CA ASN B 235 -2.08 -3.67 20.48
C ASN B 235 -1.51 -3.96 21.85
N PRO B 236 -1.32 -5.25 22.18
CA PRO B 236 -0.89 -5.69 23.52
C PRO B 236 0.61 -5.45 23.77
N ARG B 237 1.36 -5.31 22.69
CA ARG B 237 2.79 -5.06 22.79
C ARG B 237 3.05 -3.73 23.47
N TYR B 238 4.14 -3.62 24.22
CA TYR B 238 4.46 -2.39 24.86
C TYR B 238 5.96 -2.28 24.94
N VAL B 239 6.51 -1.15 24.47
CA VAL B 239 7.94 -0.90 24.45
C VAL B 239 8.36 0.10 25.54
N PHE B 240 9.49 -0.16 26.20
CA PHE B 240 9.98 0.62 27.33
C PHE B 240 11.25 1.28 26.85
N PHE B 241 11.69 2.37 27.49
CA PHE B 241 12.82 3.13 26.94
C PHE B 241 13.82 3.54 27.99
N ARG B 242 14.95 4.09 27.55
CA ARG B 242 15.73 4.88 28.47
C ARG B 242 16.01 6.20 27.77
N THR B 243 16.38 7.22 28.53
CA THR B 243 16.71 8.50 27.96
C THR B 243 18.13 8.90 28.26
N VAL B 244 18.80 9.50 27.27
CA VAL B 244 20.10 10.14 27.43
C VAL B 244 19.96 11.62 27.06
N PRO B 245 20.39 12.55 27.93
CA PRO B 245 20.39 13.96 27.51
C PRO B 245 21.35 14.18 26.35
N ASP B 246 20.88 14.91 25.35
CA ASP B 246 21.62 15.06 24.10
C ASP B 246 21.33 16.46 23.60
N ASP B 247 22.28 17.37 23.74
CA ASP B 247 21.95 18.74 23.32
C ASP B 247 22.69 19.30 22.13
N GLY B 248 23.29 18.43 21.32
CA GLY B 248 23.86 18.84 20.03
C GLY B 248 22.74 19.29 19.12
N LYS B 249 23.10 19.87 17.97
CA LYS B 249 22.11 20.28 16.97
C LYS B 249 21.27 19.07 16.50
N GLU B 250 21.96 17.93 16.38
CA GLU B 250 21.38 16.65 16.02
C GLU B 250 21.85 15.64 17.07
N PRO B 251 21.19 14.49 17.14
CA PRO B 251 21.56 13.52 18.17
C PRO B 251 22.88 12.78 17.86
N ALA B 252 23.46 12.17 18.89
CA ALA B 252 24.68 11.37 18.80
C ALA B 252 24.41 10.01 18.18
N GLY B 253 25.37 9.50 17.41
CA GLY B 253 25.29 8.13 16.94
C GLY B 253 26.02 7.19 17.89
N ALA B 254 26.19 5.93 17.49
CA ALA B 254 26.97 4.97 18.26
C ALA B 254 28.42 5.40 18.50
N ALA B 255 28.98 6.22 17.62
CA ALA B 255 30.35 6.73 17.81
C ALA B 255 30.47 7.79 18.90
N GLY B 256 29.35 8.20 19.48
CA GLY B 256 29.32 9.26 20.49
C GLY B 256 29.35 10.69 19.94
N VAL B 257 29.39 10.83 18.64
CA VAL B 257 29.45 12.16 18.04
C VAL B 257 28.12 12.51 17.40
N ALA B 258 27.78 13.79 17.37
CA ALA B 258 26.51 14.26 16.85
C ALA B 258 26.51 14.14 15.32
N LEU B 259 25.38 13.76 14.72
CA LEU B 259 25.38 13.40 13.29
C LEU B 259 24.97 14.53 12.37
N PRO B 260 25.84 14.87 11.41
CA PRO B 260 25.53 15.87 10.36
C PRO B 260 24.56 15.32 9.28
N PRO B 261 23.36 15.93 9.16
CA PRO B 261 22.32 15.48 8.21
C PRO B 261 22.83 15.33 6.80
N GLY B 262 22.64 14.16 6.21
CA GLY B 262 22.94 13.93 4.82
C GLY B 262 24.41 13.62 4.60
N ARG B 263 25.18 13.59 5.68
CA ARG B 263 26.65 13.54 5.57
C ARG B 263 27.29 12.48 6.47
N ALA B 264 26.46 11.68 7.14
CA ALA B 264 26.94 10.67 8.05
C ALA B 264 26.30 9.35 7.68
N ILE B 265 27.07 8.27 7.80
CA ILE B 265 26.53 6.94 7.51
C ILE B 265 26.62 6.01 8.68
N ALA B 266 25.71 5.05 8.71
CA ALA B 266 25.84 3.93 9.63
C ALA B 266 26.49 2.81 8.84
N VAL B 267 27.36 2.04 9.49
CA VAL B 267 28.12 1.01 8.76
C VAL B 267 28.18 -0.23 9.59
N ASP B 268 28.70 -1.30 8.99
CA ASP B 268 29.04 -2.50 9.76
C ASP B 268 30.43 -2.21 10.38
N PRO B 269 30.49 -2.13 11.73
CA PRO B 269 31.76 -1.72 12.38
C PRO B 269 32.81 -2.83 12.31
N GLY B 270 32.39 -4.02 11.90
CA GLY B 270 33.33 -5.08 11.60
C GLY B 270 34.17 -4.82 10.37
N TYR B 271 33.73 -3.90 9.50
CA TYR B 271 34.49 -3.62 8.29
C TYR B 271 35.02 -2.21 8.26
N HIS B 272 34.29 -1.31 8.90
CA HIS B 272 34.58 0.11 8.76
C HIS B 272 34.66 0.79 10.12
N ALA B 273 35.78 1.47 10.35
CA ALA B 273 36.04 2.14 11.61
C ALA B 273 35.37 3.53 11.69
N TYR B 274 34.86 3.88 12.86
CA TYR B 274 34.27 5.21 13.02
C TYR B 274 35.26 6.31 12.67
N GLY B 275 34.76 7.37 12.05
CA GLY B 275 35.59 8.50 11.66
C GLY B 275 36.16 8.36 10.26
N GLY B 276 36.10 7.15 9.70
CA GLY B 276 36.51 6.92 8.33
C GLY B 276 35.76 7.87 7.40
N PHE B 277 36.43 8.35 6.36
CA PHE B 277 35.86 9.31 5.42
C PHE B 277 35.50 8.52 4.17
N TYR B 278 34.27 8.65 3.69
CA TYR B 278 33.86 7.84 2.53
C TYR B 278 33.19 8.65 1.43
N TRP B 279 33.22 8.12 0.22
CA TRP B 279 32.55 8.71 -0.91
C TRP B 279 31.49 7.72 -1.37
N LEU B 280 30.25 8.20 -1.52
CA LEU B 280 29.16 7.35 -1.96
C LEU B 280 28.86 7.63 -3.40
N ASP B 281 28.86 6.58 -4.21
CA ASP B 281 28.32 6.68 -5.56
C ASP B 281 27.17 5.69 -5.65
N ALA B 282 25.96 6.20 -5.52
CA ALA B 282 24.76 5.37 -5.57
C ALA B 282 23.91 5.72 -6.77
N ALA B 283 23.29 4.70 -7.34
CA ALA B 283 22.38 4.86 -8.48
C ALA B 283 21.40 3.70 -8.54
N ALA B 284 20.59 3.67 -9.59
CA ALA B 284 19.58 2.62 -9.78
C ALA B 284 18.61 2.49 -8.60
N PRO B 285 17.86 3.56 -8.32
CA PRO B 285 16.87 3.61 -7.25
C PRO B 285 15.85 2.50 -7.43
N LYS B 286 15.36 1.93 -6.35
CA LYS B 286 14.38 0.87 -6.49
C LYS B 286 12.98 1.39 -6.14
N LEU B 287 12.89 2.57 -5.55
CA LEU B 287 11.62 3.07 -5.05
C LEU B 287 11.13 4.32 -5.79
N VAL B 288 9.81 4.53 -5.76
CA VAL B 288 9.17 5.66 -6.42
C VAL B 288 9.42 6.97 -5.63
N GLY B 289 9.76 8.03 -6.34
CA GLY B 289 9.96 9.33 -5.68
C GLY B 289 11.37 9.55 -5.15
N ALA B 290 12.30 8.71 -5.58
CA ALA B 290 13.68 8.73 -5.15
C ALA B 290 14.51 9.65 -6.01
N PHE B 291 15.44 10.36 -5.38
CA PHE B 291 16.56 10.96 -6.10
C PHE B 291 17.26 9.86 -6.84
N PRO B 292 17.61 10.10 -8.11
CA PRO B 292 18.21 9.09 -8.98
C PRO B 292 19.65 8.73 -8.65
N VAL B 293 20.39 9.66 -8.07
CA VAL B 293 21.78 9.38 -7.68
C VAL B 293 22.15 10.00 -6.33
N TYR B 294 22.95 9.28 -5.56
CA TYR B 294 23.60 9.88 -4.40
C TYR B 294 25.10 9.81 -4.62
N ARG B 295 25.75 10.96 -4.65
CA ARG B 295 27.17 11.03 -4.89
C ARG B 295 27.73 12.09 -3.98
N ARG B 296 28.38 11.67 -2.91
CA ARG B 296 28.83 12.62 -1.90
C ARG B 296 29.80 11.99 -0.91
N ALA B 297 30.53 12.85 -0.23
CA ALA B 297 31.45 12.41 0.78
C ALA B 297 30.70 12.43 2.11
N VAL B 298 30.93 11.42 2.95
CA VAL B 298 30.22 11.27 4.21
C VAL B 298 31.17 10.67 5.22
N THR B 299 30.83 10.78 6.50
CA THR B 299 31.65 10.18 7.56
C THR B 299 30.96 8.98 8.27
N ALA B 300 31.72 7.97 8.60
CA ALA B 300 31.17 6.83 9.36
C ALA B 300 31.10 7.13 10.87
N LEU B 301 29.88 7.30 11.39
CA LEU B 301 29.68 7.75 12.77
C LEU B 301 28.58 7.01 13.50
N ASP B 302 28.05 5.95 12.90
CA ASP B 302 26.93 5.23 13.51
C ASP B 302 26.88 3.79 13.04
N THR B 303 26.12 2.99 13.75
CA THR B 303 25.80 1.62 13.32
C THR B 303 24.34 1.26 13.65
N GLY B 304 23.90 0.10 13.16
CA GLY B 304 22.57 -0.47 13.48
C GLY B 304 22.56 -1.98 13.30
N GLY B 305 21.63 -2.66 13.97
CA GLY B 305 21.53 -4.12 13.88
C GLY B 305 21.44 -4.72 12.46
N ALA B 306 20.76 -4.02 11.56
CA ALA B 306 20.52 -4.52 10.19
C ALA B 306 21.56 -4.11 9.17
N ILE B 307 22.54 -3.30 9.58
CA ILE B 307 23.53 -2.82 8.65
C ILE B 307 24.67 -3.83 8.59
N LYS B 308 24.53 -4.84 7.74
CA LYS B 308 25.54 -5.90 7.62
C LYS B 308 26.21 -5.90 6.24
N GLY B 309 27.50 -6.22 6.19
CA GLY B 309 28.20 -6.32 4.90
C GLY B 309 29.20 -5.19 4.67
N GLU B 310 30.10 -5.39 3.72
CA GLU B 310 31.19 -4.45 3.51
C GLU B 310 30.76 -3.26 2.66
N VAL B 311 30.04 -3.55 1.59
CA VAL B 311 29.53 -2.46 0.79
C VAL B 311 28.07 -2.25 1.19
N ARG B 312 27.89 -1.47 2.25
CA ARG B 312 26.59 -1.31 2.86
C ARG B 312 26.56 -0.04 3.69
N ALA B 313 25.64 0.85 3.35
CA ALA B 313 25.57 2.10 4.05
C ALA B 313 24.14 2.56 4.27
N ASP B 314 23.91 3.13 5.45
CA ASP B 314 22.67 3.72 5.85
C ASP B 314 22.95 5.21 6.03
N LEU B 315 22.46 6.03 5.10
CA LEU B 315 22.72 7.47 5.18
C LEU B 315 21.79 8.14 6.21
N TYR B 316 22.38 8.94 7.07
CA TYR B 316 21.59 9.62 8.06
C TYR B 316 21.05 10.92 7.50
N MET B 317 19.73 11.04 7.37
CA MET B 317 19.16 12.24 6.72
C MET B 317 18.80 13.41 7.65
N GLY B 318 18.79 13.18 8.96
CA GLY B 318 18.54 14.28 9.89
C GLY B 318 17.44 13.87 10.84
N SER B 319 16.84 14.83 11.54
CA SER B 319 15.73 14.51 12.43
C SER B 319 14.45 15.21 12.01
N GLY B 320 13.32 14.63 12.33
CA GLY B 320 12.06 15.25 12.02
C GLY B 320 11.44 14.66 10.80
N ALA B 321 10.25 15.15 10.44
CA ALA B 321 9.41 14.50 9.43
C ALA B 321 9.93 14.59 8.00
N VAL B 322 10.58 15.69 7.63
CA VAL B 322 11.15 15.81 6.27
C VAL B 322 12.27 14.79 6.04
N ALA B 323 13.25 14.80 6.93
CA ALA B 323 14.31 13.81 6.91
C ALA B 323 13.70 12.38 6.81
N GLY B 324 12.58 12.17 7.50
CA GLY B 324 11.91 10.87 7.52
C GLY B 324 11.31 10.50 6.17
N VAL B 325 10.74 11.48 5.47
CA VAL B 325 10.26 11.20 4.11
C VAL B 325 11.39 10.92 3.15
N GLU B 326 12.44 11.72 3.21
CA GLU B 326 13.59 11.45 2.34
C GLU B 326 14.19 10.09 2.62
N ALA B 327 14.30 9.72 3.90
CA ALA B 327 14.97 8.49 4.28
C ALA B 327 14.29 7.29 3.64
N GLY B 328 12.95 7.32 3.61
CA GLY B 328 12.16 6.21 3.09
C GLY B 328 12.32 5.97 1.60
N ARG B 329 12.89 6.92 0.90
CA ARG B 329 13.02 6.80 -0.53
C ARG B 329 14.40 6.34 -1.01
N VAL B 330 15.32 6.14 -0.07
CA VAL B 330 16.65 5.64 -0.42
C VAL B 330 16.72 4.09 -0.43
N ARG B 331 17.00 3.55 -1.61
CA ARG B 331 17.32 2.15 -1.85
C ARG B 331 18.02 2.14 -3.16
N HIS B 332 19.35 2.19 -3.12
CA HIS B 332 20.13 2.35 -4.34
C HIS B 332 21.26 1.33 -4.38
N THR B 333 21.70 1.01 -5.58
CA THR B 333 22.89 0.22 -5.77
C THR B 333 24.07 1.10 -5.43
N LEU B 334 25.00 0.57 -4.63
CA LEU B 334 26.07 1.40 -4.11
C LEU B 334 27.46 0.92 -4.52
N ARG B 335 28.29 1.86 -4.97
CA ARG B 335 29.74 1.64 -5.07
C ARG B 335 30.38 2.52 -4.00
N LEU B 336 31.09 1.91 -3.07
CA LEU B 336 31.63 2.63 -1.92
C LEU B 336 33.13 2.92 -2.06
N TYR B 337 33.52 4.17 -1.88
CA TYR B 337 34.92 4.54 -1.97
C TYR B 337 35.38 5.09 -0.63
N ARG B 338 36.53 4.61 -0.14
CA ARG B 338 37.14 5.32 0.97
C ARG B 338 38.09 6.41 0.49
N LEU B 339 37.99 7.56 1.15
CA LEU B 339 38.95 8.61 0.99
C LEU B 339 40.01 8.45 2.10
N THR B 340 41.09 7.74 1.78
CA THR B 340 42.16 7.45 2.73
C THR B 340 43.07 8.66 2.85
N PRO B 341 43.36 9.09 4.10
CA PRO B 341 44.30 10.19 4.37
C PRO B 341 45.74 9.92 3.86
N ASN B 342 46.50 10.99 3.60
CA ASN B 342 47.89 10.94 3.06
C ASN B 342 47.95 10.82 1.53
#